data_6HJE
#
_entry.id   6HJE
#
_cell.length_a   133.233
_cell.length_b   90.640
_cell.length_c   85.394
_cell.angle_alpha   90.00
_cell.angle_beta   126.04
_cell.angle_gamma   90.00
#
_symmetry.space_group_name_H-M   'C 1 2 1'
#
loop_
_entity.id
_entity.type
_entity.pdbx_description
1 polymer 'Proline racemase A'
2 non-polymer 'PHOSPHATE ION'
3 non-polymer '2-[(1~{S})-2-oxidanylidenecyclopentyl]ethanoic acid'
4 water water
#
_entity_poly.entity_id   1
_entity_poly.type   'polypeptide(L)'
_entity_poly.pdbx_seq_one_letter_code
;MGQEKLLFDQKYKIIKGEKKEKKKNQRANRREHQQKREIMRFKKSFTCIDMHTEGEAARIVTSGLPHIPGSNMAEKKAYL
QENMDYLRRGIMLEPRGHDDMFGAFLFDPIEEGADLGIVFMDTGGYLNMCGHNSIAAVTAAVETGIVSVPAKATNVPVVL
DTPAGLVRGTAHLQSGTESEVSNASIINVPSFLYQQDVVVVLPKPYGEVRVDIAFGGNFFAIVPAEQLGIDISVQNLSRL
QEAGELLRTEINRSVKVQHPQLPHINTVDCVEIYGPPTNPEANYKNVVIFGNRQADRSPCGTGTSAKMATLYAKGQLRIG
ETFVYESILGSLFQGRVLGEERIPGVKVPVTKDAEEGMLVVTAEITGKAFIMGFNTMLFDPTDPFKNGFTLKQYIWSSSV
DKLAAALEHHHHHH
;
_entity_poly.pdbx_strand_id   A,B
#
loop_
_chem_comp.id
_chem_comp.type
_chem_comp.name
_chem_comp.formula
7N0 non-polymer '2-[(1~{S})-2-oxidanylidenecyclopentyl]ethanoic acid' 'C7 H10 O3'
PO4 non-polymer 'PHOSPHATE ION' 'O4 P -3'
#
# COMPACT_ATOMS: atom_id res chain seq x y z
N GLU A 38 -6.55 25.37 11.32
CA GLU A 38 -7.05 24.89 9.98
C GLU A 38 -6.13 25.34 8.86
N ILE A 39 -5.71 26.60 8.94
CA ILE A 39 -4.71 27.13 8.02
C ILE A 39 -3.40 26.37 8.25
N MET A 40 -3.10 26.12 9.53
CA MET A 40 -1.87 25.42 9.89
C MET A 40 -1.94 23.92 9.59
N ARG A 41 -3.14 23.35 9.60
CA ARG A 41 -3.34 21.94 9.26
C ARG A 41 -2.86 21.64 7.82
N PHE A 42 -3.26 22.51 6.89
CA PHE A 42 -2.96 22.32 5.47
C PHE A 42 -1.59 22.86 5.04
N LYS A 43 -0.81 23.40 5.98
CA LYS A 43 0.58 23.76 5.71
C LYS A 43 1.37 22.54 5.25
N LYS A 44 2.06 22.65 4.12
CA LYS A 44 2.91 21.59 3.59
C LYS A 44 2.11 20.41 3.03
N SER A 45 0.82 20.63 2.78
CA SER A 45 -0.03 19.63 2.16
C SER A 45 0.23 19.56 0.66
N PHE A 46 -0.21 18.46 0.06
CA PHE A 46 -0.19 18.30 -1.39
C PHE A 46 -1.58 17.88 -1.83
N THR A 47 -1.96 18.30 -3.02
CA THR A 47 -3.15 17.81 -3.62
C THR A 47 -2.78 16.84 -4.74
N CYS A 48 -3.53 15.75 -4.83
CA CYS A 48 -3.30 14.68 -5.81
CA CYS A 48 -3.31 14.84 -5.94
C CYS A 48 -4.57 14.28 -6.53
N ILE A 49 -4.42 13.90 -7.79
CA ILE A 49 -5.35 13.06 -8.49
C ILE A 49 -4.73 11.65 -8.45
N ASP A 50 -5.30 10.80 -7.62
CA ASP A 50 -4.97 9.37 -7.63
C ASP A 50 -5.62 8.67 -8.78
N MET A 51 -4.77 8.05 -9.59
CA MET A 51 -5.22 7.25 -10.68
C MET A 51 -4.59 5.89 -10.70
N HIS A 52 -5.09 5.06 -11.60
CA HIS A 52 -4.44 3.81 -11.91
C HIS A 52 -4.60 3.49 -13.40
N THR A 53 -3.59 2.82 -13.94
CA THR A 53 -3.56 2.35 -15.32
C THR A 53 -3.45 0.82 -15.22
N GLU A 54 -4.58 0.16 -15.45
CA GLU A 54 -4.71 -1.29 -15.38
C GLU A 54 -4.19 -1.88 -14.06
N GLY A 55 -4.45 -1.15 -12.99
CA GLY A 55 -4.13 -1.59 -11.64
C GLY A 55 -2.89 -0.95 -11.09
N GLU A 56 -2.10 -0.32 -11.95
CA GLU A 56 -0.87 0.28 -11.50
C GLU A 56 -1.11 1.73 -11.11
N ALA A 57 -0.71 2.06 -9.88
CA ALA A 57 -0.91 3.41 -9.34
C ALA A 57 -0.19 4.51 -10.12
N ALA A 58 -0.89 5.63 -10.22
CA ALA A 58 -0.31 6.90 -10.63
C ALA A 58 -0.85 8.04 -9.75
N ARG A 59 -0.06 8.40 -8.76
CA ARG A 59 -0.43 9.46 -7.85
C ARG A 59 0.12 10.74 -8.47
N ILE A 60 -0.76 11.50 -9.08
CA ILE A 60 -0.39 12.71 -9.78
C ILE A 60 -0.55 13.96 -8.90
N VAL A 61 0.56 14.49 -8.42
CA VAL A 61 0.56 15.60 -7.47
C VAL A 61 0.38 16.91 -8.27
N THR A 62 -0.72 17.59 -8.03
CA THR A 62 -1.13 18.75 -8.81
C THR A 62 -0.79 20.10 -8.15
N SER A 63 -0.53 20.11 -6.86
CA SER A 63 -0.12 21.33 -6.17
C SER A 63 0.48 20.99 -4.85
N GLY A 64 1.18 21.96 -4.28
CA GLY A 64 1.79 21.87 -2.96
C GLY A 64 3.30 22.11 -3.00
N LEU A 65 3.95 21.92 -4.15
CA LEU A 65 5.40 22.13 -4.24
C LEU A 65 5.74 23.63 -4.24
N PRO A 66 6.88 24.02 -3.65
CA PRO A 66 7.38 25.37 -3.96
C PRO A 66 8.10 25.40 -5.31
N HIS A 67 8.68 26.55 -5.67
CA HIS A 67 9.45 26.65 -6.89
C HIS A 67 10.61 25.67 -6.75
N ILE A 68 10.91 24.93 -7.82
CA ILE A 68 12.01 23.96 -7.82
C ILE A 68 13.02 24.41 -8.86
N PRO A 69 14.26 24.77 -8.45
CA PRO A 69 15.24 25.26 -9.40
C PRO A 69 15.63 24.22 -10.47
N GLY A 70 15.70 24.68 -11.71
CA GLY A 70 16.11 23.84 -12.84
C GLY A 70 15.64 24.49 -14.12
N SER A 71 16.45 24.40 -15.16
CA SER A 71 16.12 25.03 -16.43
C SER A 71 15.49 24.01 -17.36
N ASN A 72 15.50 22.75 -16.93
CA ASN A 72 14.79 21.70 -17.62
C ASN A 72 14.25 20.69 -16.62
N MET A 73 13.44 19.75 -17.10
CA MET A 73 12.77 18.79 -16.21
C MET A 73 13.79 17.87 -15.54
N ALA A 74 14.84 17.46 -16.24
CA ALA A 74 15.86 16.59 -15.65
C ALA A 74 16.59 17.25 -14.46
N GLU A 75 16.75 18.58 -14.51
CA GLU A 75 17.39 19.32 -13.42
C GLU A 75 16.46 19.49 -12.24
N LYS A 76 15.19 19.79 -12.49
CA LYS A 76 14.22 19.81 -11.39
C LYS A 76 14.19 18.47 -10.66
N LYS A 77 14.26 17.38 -11.44
CA LYS A 77 14.30 16.03 -10.86
C LYS A 77 15.53 15.82 -10.02
N ALA A 78 16.66 16.36 -10.51
CA ALA A 78 17.92 16.30 -9.80
C ALA A 78 17.84 17.06 -8.49
N TYR A 79 17.26 18.26 -8.53
CA TYR A 79 17.07 19.06 -7.33
C TYR A 79 16.25 18.30 -6.28
N LEU A 80 15.15 17.71 -6.72
CA LEU A 80 14.27 16.96 -5.79
C LEU A 80 15.02 15.81 -5.13
N GLN A 81 15.72 15.04 -5.94
CA GLN A 81 16.46 13.88 -5.46
C GLN A 81 17.57 14.26 -4.48
N GLU A 82 18.21 15.39 -4.73
CA GLU A 82 19.33 15.81 -3.89
C GLU A 82 18.93 16.59 -2.65
N ASN A 83 17.90 17.44 -2.78
CA ASN A 83 17.51 18.36 -1.69
C ASN A 83 16.17 18.10 -1.01
N MET A 84 15.22 17.48 -1.72
CA MET A 84 13.89 17.27 -1.17
C MET A 84 13.38 15.82 -1.32
N ASP A 85 14.24 14.84 -1.07
CA ASP A 85 13.87 13.46 -1.34
C ASP A 85 12.87 12.90 -0.34
N TYR A 86 12.83 13.49 0.85
CA TYR A 86 11.82 13.19 1.88
C TYR A 86 10.37 13.44 1.40
N LEU A 87 10.19 14.25 0.36
CA LEU A 87 8.82 14.54 -0.11
C LEU A 87 8.33 13.32 -0.83
N ARG A 88 9.14 12.81 -1.75
CA ARG A 88 8.87 11.54 -2.43
C ARG A 88 8.57 10.45 -1.43
N ARG A 89 9.40 10.31 -0.40
CA ARG A 89 9.18 9.27 0.60
C ARG A 89 7.86 9.43 1.36
N GLY A 90 7.49 10.64 1.72
CA GLY A 90 6.23 10.88 2.40
C GLY A 90 5.00 10.63 1.52
N ILE A 91 5.11 10.96 0.24
CA ILE A 91 4.00 10.79 -0.69
C ILE A 91 3.88 9.36 -1.21
N MET A 92 5.01 8.67 -1.37
CA MET A 92 5.03 7.31 -1.96
C MET A 92 4.89 6.16 -0.95
N LEU A 93 5.47 6.30 0.24
CA LEU A 93 5.58 5.17 1.17
C LEU A 93 4.46 5.16 2.18
N GLU A 94 4.25 4.01 2.83
CA GLU A 94 3.36 3.95 3.98
C GLU A 94 3.72 5.07 4.93
N PRO A 95 2.72 5.63 5.62
CA PRO A 95 1.33 5.17 5.59
C PRO A 95 0.42 5.79 4.54
N ARG A 96 0.89 6.82 3.83
CA ARG A 96 0.10 7.50 2.81
C ARG A 96 0.18 6.77 1.50
N GLY A 97 1.27 6.03 1.29
CA GLY A 97 1.36 5.12 0.15
C GLY A 97 1.58 3.70 0.60
N HIS A 98 2.37 2.99 -0.19
CA HIS A 98 2.73 1.61 0.11
C HIS A 98 3.88 1.22 -0.80
N ASP A 99 4.36 -0.01 -0.66
CA ASP A 99 5.63 -0.40 -1.27
C ASP A 99 5.55 -0.54 -2.78
N ASP A 100 4.35 -0.41 -3.38
CA ASP A 100 4.21 -0.47 -4.83
C ASP A 100 3.53 0.79 -5.45
N MET A 101 3.60 1.89 -4.73
CA MET A 101 3.03 3.14 -5.14
C MET A 101 3.97 3.78 -6.15
N PHE A 102 3.36 4.56 -7.04
CA PHE A 102 4.03 5.28 -8.10
C PHE A 102 3.32 6.59 -8.33
N GLY A 103 4.08 7.60 -8.70
CA GLY A 103 3.45 8.87 -9.00
C GLY A 103 4.34 9.84 -9.74
N ALA A 104 3.96 11.09 -9.65
CA ALA A 104 4.57 12.14 -10.43
C ALA A 104 4.22 13.51 -9.86
N PHE A 105 5.19 14.43 -9.96
CA PHE A 105 4.92 15.85 -9.76
C PHE A 105 4.68 16.53 -11.09
N LEU A 106 3.57 17.27 -11.20
CA LEU A 106 3.34 18.13 -12.35
C LEU A 106 4.11 19.45 -12.15
N PHE A 107 4.58 20.02 -13.26
CA PHE A 107 5.14 21.38 -13.32
C PHE A 107 4.56 22.13 -14.50
N ASP A 108 4.78 23.45 -14.54
CA ASP A 108 4.56 24.23 -15.78
C ASP A 108 5.50 23.68 -16.82
N PRO A 109 5.09 23.65 -18.11
CA PRO A 109 6.02 23.16 -19.14
C PRO A 109 7.18 24.13 -19.36
N ILE A 110 8.37 23.60 -19.65
CA ILE A 110 9.55 24.39 -20.06
C ILE A 110 9.78 24.32 -21.59
N GLU A 111 9.72 23.14 -22.19
CA GLU A 111 10.04 23.02 -23.62
C GLU A 111 8.92 23.57 -24.48
N GLU A 112 9.30 24.12 -25.62
CA GLU A 112 8.35 24.66 -26.60
C GLU A 112 7.37 23.58 -27.08
N GLY A 113 6.08 23.90 -27.08
CA GLY A 113 5.07 22.95 -27.56
C GLY A 113 4.50 22.02 -26.48
N ALA A 114 5.20 21.88 -25.36
CA ALA A 114 4.70 21.10 -24.20
C ALA A 114 3.55 21.78 -23.47
N ASP A 115 2.57 21.00 -23.03
CA ASP A 115 1.47 21.46 -22.22
C ASP A 115 1.73 21.37 -20.70
N LEU A 116 2.48 20.37 -20.29
CA LEU A 116 2.66 20.03 -18.88
C LEU A 116 4.05 19.51 -18.66
N GLY A 117 4.70 19.94 -17.61
CA GLY A 117 6.00 19.37 -17.21
C GLY A 117 5.74 18.28 -16.19
N ILE A 118 6.61 17.27 -16.11
CA ILE A 118 6.36 16.16 -15.23
C ILE A 118 7.61 15.44 -14.80
N VAL A 119 7.69 15.13 -13.51
CA VAL A 119 8.76 14.34 -12.94
C VAL A 119 8.15 13.14 -12.22
N PHE A 120 8.59 11.94 -12.64
CA PHE A 120 8.10 10.68 -12.14
C PHE A 120 8.82 10.24 -10.88
N MET A 121 8.10 9.58 -9.97
CA MET A 121 8.72 9.07 -8.75
C MET A 121 8.15 7.72 -8.35
N ASP A 122 8.93 6.98 -7.56
CA ASP A 122 8.45 5.73 -7.02
C ASP A 122 9.03 5.51 -5.63
N THR A 123 8.91 4.28 -5.11
CA THR A 123 9.30 4.00 -3.74
C THR A 123 10.83 3.92 -3.56
N GLY A 124 11.58 3.81 -4.66
CA GLY A 124 13.04 3.79 -4.69
C GLY A 124 13.69 5.08 -5.19
N GLY A 125 13.13 5.72 -6.20
CA GLY A 125 13.78 6.88 -6.79
C GLY A 125 12.92 7.58 -7.80
N TYR A 126 13.53 8.02 -8.89
CA TYR A 126 12.88 8.84 -9.91
C TYR A 126 13.24 8.27 -11.25
N LEU A 127 12.27 7.82 -12.04
CA LEU A 127 12.57 7.35 -13.39
C LEU A 127 12.50 8.50 -14.38
N ASN A 128 13.23 8.36 -15.48
CA ASN A 128 13.26 9.43 -16.46
C ASN A 128 11.98 9.48 -17.26
N MET A 129 11.32 8.34 -17.45
CA MET A 129 10.02 8.28 -18.07
C MET A 129 9.25 7.10 -17.49
N CYS A 130 7.95 7.10 -17.75
CA CYS A 130 7.02 6.08 -17.29
C CYS A 130 5.79 6.12 -18.20
N GLY A 131 5.49 5.01 -18.88
CA GLY A 131 4.41 4.96 -19.84
C GLY A 131 3.05 5.00 -19.18
N HIS A 132 2.88 4.21 -18.13
CA HIS A 132 1.57 4.19 -17.48
C HIS A 132 1.22 5.51 -16.80
N ASN A 133 2.19 6.14 -16.14
CA ASN A 133 1.92 7.44 -15.57
C ASN A 133 1.72 8.51 -16.62
N SER A 134 2.37 8.35 -17.77
CA SER A 134 2.20 9.33 -18.82
C SER A 134 0.80 9.18 -19.39
N ILE A 135 0.32 7.94 -19.51
CA ILE A 135 -1.05 7.68 -19.96
C ILE A 135 -2.05 8.26 -18.98
N ALA A 136 -1.80 8.03 -17.69
CA ALA A 136 -2.64 8.58 -16.64
C ALA A 136 -2.64 10.11 -16.66
N ALA A 137 -1.46 10.70 -16.82
CA ALA A 137 -1.34 12.15 -16.87
C ALA A 137 -2.11 12.79 -18.04
N VAL A 138 -2.04 12.16 -19.22
CA VAL A 138 -2.77 12.61 -20.39
C VAL A 138 -4.27 12.52 -20.10
N THR A 139 -4.68 11.42 -19.49
CA THR A 139 -6.06 11.23 -19.13
C THR A 139 -6.54 12.26 -18.11
N ALA A 140 -5.71 12.51 -17.11
CA ALA A 140 -6.08 13.47 -16.06
C ALA A 140 -6.14 14.90 -16.59
N ALA A 141 -5.17 15.26 -17.41
CA ALA A 141 -5.11 16.60 -17.98
C ALA A 141 -6.43 16.98 -18.61
N VAL A 142 -7.02 16.04 -19.34
CA VAL A 142 -8.24 16.31 -20.12
C VAL A 142 -9.48 16.13 -19.27
N GLU A 143 -9.53 15.06 -18.46
CA GLU A 143 -10.67 14.84 -17.60
C GLU A 143 -10.86 15.93 -16.54
N THR A 144 -9.80 16.56 -16.07
CA THR A 144 -9.93 17.57 -15.01
C THR A 144 -9.78 19.00 -15.52
N GLY A 145 -9.60 19.18 -16.82
CA GLY A 145 -9.55 20.52 -17.41
C GLY A 145 -8.23 21.23 -17.29
N ILE A 146 -7.13 20.52 -17.14
CA ILE A 146 -5.84 21.17 -17.19
C ILE A 146 -5.61 21.63 -18.63
N VAL A 147 -6.12 20.85 -19.58
CA VAL A 147 -6.02 21.17 -21.01
C VAL A 147 -7.44 21.26 -21.58
N SER A 148 -7.70 22.36 -22.29
CA SER A 148 -9.03 22.60 -22.86
C SER A 148 -9.33 21.62 -23.96
N VAL A 149 -10.59 21.22 -24.05
CA VAL A 149 -11.07 20.42 -25.15
C VAL A 149 -11.78 21.37 -26.11
N PRO A 150 -11.28 21.49 -27.34
CA PRO A 150 -12.02 22.22 -28.35
C PRO A 150 -13.37 21.57 -28.62
N ALA A 151 -14.33 22.36 -29.09
CA ALA A 151 -15.69 21.89 -29.31
C ALA A 151 -15.78 20.81 -30.41
N LYS A 152 -16.59 19.78 -30.13
CA LYS A 152 -16.81 18.68 -31.07
C LYS A 152 -15.56 17.86 -31.40
N ALA A 153 -14.48 18.03 -30.63
CA ALA A 153 -13.24 17.25 -30.83
C ALA A 153 -13.43 15.85 -30.28
N THR A 154 -12.75 14.89 -30.90
CA THR A 154 -12.76 13.49 -30.47
C THR A 154 -11.39 13.00 -29.99
N ASN A 155 -10.35 13.77 -30.27
CA ASN A 155 -8.98 13.49 -29.82
C ASN A 155 -8.40 14.80 -29.34
N VAL A 156 -7.76 14.81 -28.19
CA VAL A 156 -7.13 16.02 -27.67
C VAL A 156 -5.66 15.75 -27.44
N PRO A 157 -4.78 16.56 -28.04
CA PRO A 157 -3.37 16.33 -27.75
C PRO A 157 -2.95 16.89 -26.39
N VAL A 158 -2.00 16.20 -25.76
CA VAL A 158 -1.40 16.63 -24.52
C VAL A 158 0.06 16.25 -24.60
N VAL A 159 0.94 17.25 -24.65
CA VAL A 159 2.39 17.02 -24.76
C VAL A 159 3.06 17.15 -23.40
N LEU A 160 3.78 16.11 -22.98
CA LEU A 160 4.49 16.12 -21.72
C LEU A 160 5.97 16.37 -21.92
N ASP A 161 6.50 17.20 -21.04
CA ASP A 161 7.90 17.57 -20.97
C ASP A 161 8.50 16.76 -19.81
N THR A 162 9.18 15.69 -20.14
CA THR A 162 9.68 14.76 -19.15
C THR A 162 11.19 14.85 -19.11
N PRO A 163 11.82 14.28 -18.07
CA PRO A 163 13.27 14.23 -18.02
C PRO A 163 13.94 13.39 -19.13
N ALA A 164 13.16 12.61 -19.85
CA ALA A 164 13.71 11.83 -20.95
C ALA A 164 13.52 12.55 -22.28
N GLY A 165 12.80 13.65 -22.30
CA GLY A 165 12.40 14.25 -23.58
C GLY A 165 10.91 14.41 -23.68
N LEU A 166 10.48 14.94 -24.82
CA LEU A 166 9.09 15.28 -25.10
C LEU A 166 8.30 14.04 -25.47
N VAL A 167 7.16 13.87 -24.82
CA VAL A 167 6.30 12.71 -25.04
C VAL A 167 4.98 13.25 -25.52
N ARG A 168 4.62 12.93 -26.76
CA ARG A 168 3.39 13.48 -27.37
C ARG A 168 2.22 12.59 -27.12
N GLY A 169 1.38 13.01 -26.20
CA GLY A 169 0.18 12.26 -25.87
C GLY A 169 -1.04 12.67 -26.65
N THR A 170 -1.96 11.73 -26.80
CA THR A 170 -3.26 12.00 -27.34
C THR A 170 -4.31 11.29 -26.50
N ALA A 171 -5.28 12.07 -26.03
CA ALA A 171 -6.45 11.55 -25.32
C ALA A 171 -7.57 11.34 -26.31
N HIS A 172 -8.12 10.13 -26.32
CA HIS A 172 -9.20 9.74 -27.18
C HIS A 172 -10.51 9.81 -26.39
N LEU A 173 -11.39 10.71 -26.78
CA LEU A 173 -12.61 10.94 -26.01
C LEU A 173 -13.68 9.88 -26.25
N GLN A 174 -14.52 9.66 -25.25
CA GLN A 174 -15.70 8.81 -25.43
C GLN A 174 -16.76 9.52 -26.25
N SER A 175 -17.24 8.85 -27.31
CA SER A 175 -18.28 9.39 -28.19
C SER A 175 -19.52 9.83 -27.40
N GLY A 176 -19.85 11.12 -27.49
CA GLY A 176 -20.97 11.69 -26.77
C GLY A 176 -20.69 12.13 -25.35
N THR A 177 -19.45 12.56 -25.07
CA THR A 177 -19.12 13.22 -23.79
C THR A 177 -18.34 14.49 -24.04
N GLU A 178 -18.38 15.41 -23.09
CA GLU A 178 -17.59 16.64 -23.19
C GLU A 178 -16.09 16.35 -23.07
N SER A 179 -15.71 15.58 -22.06
CA SER A 179 -14.30 15.36 -21.77
C SER A 179 -13.98 14.08 -21.00
N GLU A 180 -14.78 13.05 -21.20
CA GLU A 180 -14.47 11.73 -20.69
C GLU A 180 -13.54 11.05 -21.67
N VAL A 181 -12.48 10.44 -21.14
CA VAL A 181 -11.44 9.87 -21.96
C VAL A 181 -11.56 8.36 -22.05
N SER A 182 -11.75 7.87 -23.27
CA SER A 182 -11.87 6.46 -23.49
C SER A 182 -10.53 5.77 -23.22
N ASN A 183 -9.47 6.28 -23.83
CA ASN A 183 -8.13 5.75 -23.65
C ASN A 183 -7.15 6.77 -24.13
N ALA A 184 -5.86 6.48 -24.01
CA ALA A 184 -4.83 7.48 -24.28
C ALA A 184 -3.64 6.86 -24.99
N SER A 185 -3.09 7.59 -25.94
CA SER A 185 -1.90 7.20 -26.67
C SER A 185 -0.76 8.12 -26.30
N ILE A 186 0.43 7.55 -26.18
CA ILE A 186 1.64 8.33 -26.06
C ILE A 186 2.59 7.91 -27.14
N ILE A 187 3.20 8.91 -27.79
CA ILE A 187 4.30 8.70 -28.69
C ILE A 187 5.55 8.93 -27.87
N ASN A 188 6.31 7.87 -27.70
CA ASN A 188 7.41 7.88 -26.77
C ASN A 188 8.59 8.67 -27.32
N VAL A 189 9.56 8.94 -26.45
CA VAL A 189 10.87 9.38 -26.90
C VAL A 189 11.54 8.27 -27.73
N PRO A 190 12.49 8.66 -28.62
CA PRO A 190 13.14 7.65 -29.48
C PRO A 190 13.61 6.46 -28.67
N SER A 191 13.25 5.26 -29.12
CA SER A 191 13.67 4.03 -28.49
C SER A 191 14.65 3.26 -29.36
N PHE A 192 15.40 2.36 -28.75
CA PHE A 192 16.38 1.63 -29.56
C PHE A 192 16.95 0.43 -28.83
N LEU A 193 17.36 -0.55 -29.62
CA LEU A 193 18.17 -1.66 -29.13
C LEU A 193 19.57 -1.11 -28.84
N TYR A 194 20.13 -1.48 -27.70
CA TYR A 194 21.44 -0.95 -27.29
C TYR A 194 22.57 -1.99 -27.40
N GLN A 195 22.35 -3.17 -26.84
CA GLN A 195 23.31 -4.23 -26.89
C GLN A 195 22.56 -5.53 -26.93
N GLN A 196 23.02 -6.42 -27.79
CA GLN A 196 22.27 -7.63 -28.09
C GLN A 196 23.03 -8.83 -27.55
N ASP A 197 22.28 -9.83 -27.09
CA ASP A 197 22.81 -11.16 -26.71
C ASP A 197 23.89 -11.07 -25.62
N VAL A 198 23.60 -10.25 -24.61
CA VAL A 198 24.50 -10.06 -23.49
C VAL A 198 24.30 -11.21 -22.50
N VAL A 199 25.38 -11.96 -22.23
CA VAL A 199 25.34 -13.05 -21.23
C VAL A 199 25.61 -12.45 -19.86
N VAL A 200 24.82 -12.90 -18.90
CA VAL A 200 24.94 -12.44 -17.53
C VAL A 200 25.11 -13.66 -16.65
N VAL A 201 26.07 -13.57 -15.72
CA VAL A 201 26.38 -14.67 -14.81
C VAL A 201 25.59 -14.40 -13.54
N LEU A 202 24.79 -15.38 -13.13
CA LEU A 202 23.98 -15.25 -11.92
C LEU A 202 24.11 -16.48 -11.02
N PRO A 203 23.88 -16.30 -9.71
CA PRO A 203 23.89 -17.45 -8.80
C PRO A 203 22.77 -18.43 -9.12
N LYS A 204 22.91 -19.65 -8.62
CA LYS A 204 21.93 -20.70 -8.87
C LYS A 204 20.56 -20.32 -8.28
N PRO A 205 19.46 -20.89 -8.84
CA PRO A 205 19.38 -21.87 -9.92
C PRO A 205 19.31 -21.27 -11.34
N TYR A 206 19.78 -20.03 -11.48
CA TYR A 206 19.67 -19.31 -12.76
C TYR A 206 20.92 -19.55 -13.63
N GLY A 207 22.07 -19.01 -13.20
CA GLY A 207 23.33 -19.21 -13.92
C GLY A 207 23.61 -18.20 -15.03
N GLU A 208 23.80 -18.71 -16.25
CA GLU A 208 23.98 -17.85 -17.43
C GLU A 208 22.61 -17.49 -17.99
N VAL A 209 22.37 -16.19 -18.19
CA VAL A 209 21.17 -15.75 -18.91
C VAL A 209 21.53 -14.74 -19.99
N ARG A 210 21.00 -14.95 -21.19
CA ARG A 210 21.20 -14.05 -22.33
C ARG A 210 20.08 -12.99 -22.32
N VAL A 211 20.45 -11.72 -22.40
CA VAL A 211 19.49 -10.64 -22.43
C VAL A 211 19.80 -9.67 -23.56
N ASP A 212 18.83 -8.81 -23.87
CA ASP A 212 19.09 -7.61 -24.64
C ASP A 212 18.91 -6.41 -23.77
N ILE A 213 19.67 -5.37 -24.06
CA ILE A 213 19.56 -4.11 -23.39
C ILE A 213 18.99 -3.09 -24.38
N ALA A 214 17.86 -2.47 -24.04
CA ALA A 214 17.17 -1.54 -24.94
C ALA A 214 16.62 -0.34 -24.19
N PHE A 215 16.57 0.80 -24.87
CA PHE A 215 16.04 2.03 -24.32
C PHE A 215 14.65 2.28 -24.81
N GLY A 216 13.75 2.52 -23.85
CA GLY A 216 12.37 2.87 -24.17
C GLY A 216 11.89 4.08 -23.39
N GLY A 217 12.81 4.91 -22.92
CA GLY A 217 12.49 5.94 -21.93
C GLY A 217 13.33 5.69 -20.68
N ASN A 218 13.48 4.41 -20.36
CA ASN A 218 14.42 3.94 -19.38
C ASN A 218 15.17 2.83 -20.11
N PHE A 219 16.35 2.46 -19.60
CA PHE A 219 17.04 1.27 -20.06
C PHE A 219 16.44 0.06 -19.41
N PHE A 220 16.12 -0.94 -20.23
CA PHE A 220 15.68 -2.24 -19.78
C PHE A 220 16.71 -3.31 -20.10
N ALA A 221 16.71 -4.36 -19.31
CA ALA A 221 17.29 -5.63 -19.70
C ALA A 221 16.11 -6.54 -19.95
N ILE A 222 15.99 -7.05 -21.17
CA ILE A 222 14.87 -7.84 -21.59
C ILE A 222 15.31 -9.29 -21.65
N VAL A 223 14.60 -10.12 -20.90
CA VAL A 223 14.96 -11.51 -20.73
C VAL A 223 13.74 -12.40 -20.78
N PRO A 224 13.78 -13.52 -21.54
CA PRO A 224 12.65 -14.41 -21.50
C PRO A 224 12.65 -15.13 -20.17
N ALA A 225 11.45 -15.39 -19.66
CA ALA A 225 11.28 -16.01 -18.37
C ALA A 225 11.83 -17.44 -18.38
N GLU A 226 11.56 -18.16 -19.47
CA GLU A 226 12.07 -19.53 -19.65
C GLU A 226 13.58 -19.66 -19.35
N GLN A 227 14.35 -18.61 -19.59
CA GLN A 227 15.76 -18.56 -19.19
C GLN A 227 16.00 -18.37 -17.68
N LEU A 228 14.93 -18.28 -16.91
CA LEU A 228 15.07 -18.20 -15.46
C LEU A 228 14.50 -19.42 -14.75
N GLY A 229 13.92 -20.33 -15.51
CA GLY A 229 13.25 -21.50 -14.93
C GLY A 229 11.87 -21.22 -14.32
N ILE A 230 11.40 -19.97 -14.41
CA ILE A 230 10.16 -19.55 -13.74
C ILE A 230 9.17 -19.11 -14.77
N ASP A 231 7.99 -19.69 -14.82
CA ASP A 231 7.03 -19.12 -15.74
C ASP A 231 6.24 -17.98 -15.07
N ILE A 232 5.75 -17.06 -15.89
CA ILE A 232 5.15 -15.82 -15.38
C ILE A 232 3.76 -16.09 -14.83
N SER A 233 3.59 -15.89 -13.52
CA SER A 233 2.28 -16.02 -12.86
C SER A 233 2.32 -15.27 -11.54
N VAL A 234 1.16 -15.00 -10.96
CA VAL A 234 1.13 -14.26 -9.69
C VAL A 234 1.73 -15.11 -8.58
N GLN A 235 1.59 -16.43 -8.72
CA GLN A 235 2.17 -17.41 -7.81
C GLN A 235 3.68 -17.26 -7.78
N ASN A 236 4.28 -17.05 -8.95
CA ASN A 236 5.74 -17.01 -9.08
C ASN A 236 6.35 -15.64 -8.96
N LEU A 237 5.57 -14.67 -8.52
CA LEU A 237 5.99 -13.28 -8.58
C LEU A 237 7.22 -12.99 -7.72
N SER A 238 7.28 -13.64 -6.57
CA SER A 238 8.36 -13.41 -5.63
C SER A 238 9.66 -13.96 -6.20
N ARG A 239 9.58 -15.14 -6.80
CA ARG A 239 10.72 -15.69 -7.52
C ARG A 239 11.17 -14.76 -8.66
N LEU A 240 10.20 -14.12 -9.34
CA LEU A 240 10.51 -13.22 -10.47
C LEU A 240 11.12 -11.95 -9.99
N GLN A 241 10.58 -11.40 -8.91
CA GLN A 241 11.11 -10.18 -8.31
C GLN A 241 12.53 -10.37 -7.84
N GLU A 242 12.82 -11.55 -7.29
CA GLU A 242 14.16 -11.89 -6.84
C GLU A 242 15.07 -12.01 -8.07
N ALA A 243 14.65 -12.85 -9.02
CA ALA A 243 15.41 -13.07 -10.24
C ALA A 243 15.81 -11.78 -10.96
N GLY A 244 14.95 -10.76 -10.92
CA GLY A 244 15.19 -9.50 -11.62
C GLY A 244 15.91 -8.39 -10.86
N GLU A 245 15.91 -8.48 -9.54
CA GLU A 245 16.78 -7.62 -8.73
C GLU A 245 18.23 -8.12 -8.87
N LEU A 246 18.41 -9.45 -8.84
CA LEU A 246 19.71 -10.08 -9.11
C LEU A 246 20.24 -9.58 -10.46
N LEU A 247 19.59 -10.05 -11.53
CA LEU A 247 19.98 -9.76 -12.90
C LEU A 247 20.36 -8.30 -13.13
N ARG A 248 19.58 -7.41 -12.55
CA ARG A 248 19.81 -5.97 -12.71
C ARG A 248 21.07 -5.41 -12.04
N THR A 249 21.49 -6.03 -10.95
CA THR A 249 22.67 -5.59 -10.20
C THR A 249 23.93 -6.06 -10.91
N GLU A 250 23.94 -7.35 -11.27
CA GLU A 250 24.98 -7.91 -12.10
C GLU A 250 25.17 -7.10 -13.38
N ILE A 251 24.06 -6.67 -14.00
CA ILE A 251 24.12 -5.87 -15.22
C ILE A 251 24.82 -4.54 -14.99
N ASN A 252 24.36 -3.79 -14.00
CA ASN A 252 24.95 -2.49 -13.71
C ASN A 252 26.37 -2.60 -13.14
N ARG A 253 26.72 -3.78 -12.64
CA ARG A 253 28.11 -4.09 -12.31
C ARG A 253 28.91 -4.29 -13.62
N SER A 254 28.55 -5.34 -14.37
CA SER A 254 29.26 -5.77 -15.58
C SER A 254 29.20 -4.83 -16.77
N VAL A 255 28.08 -4.15 -16.95
CA VAL A 255 27.84 -3.43 -18.19
C VAL A 255 27.55 -1.97 -17.96
N LYS A 256 28.37 -1.13 -18.56
CA LYS A 256 28.17 0.30 -18.52
C LYS A 256 27.30 0.66 -19.71
N VAL A 257 26.21 1.37 -19.44
CA VAL A 257 25.37 1.90 -20.50
C VAL A 257 25.40 3.41 -20.44
N GLN A 258 25.21 4.04 -21.57
CA GLN A 258 25.12 5.46 -21.61
C GLN A 258 24.29 5.87 -22.81
N HIS A 259 23.20 6.58 -22.53
CA HIS A 259 22.39 7.14 -23.57
C HIS A 259 23.26 8.12 -24.34
N PRO A 260 23.40 7.90 -25.67
CA PRO A 260 24.33 8.73 -26.47
C PRO A 260 23.88 10.18 -26.74
N GLN A 261 22.60 10.49 -26.56
CA GLN A 261 22.10 11.86 -26.64
C GLN A 261 21.73 12.49 -25.28
N LEU A 262 21.75 11.70 -24.20
CA LEU A 262 21.28 12.16 -22.87
C LEU A 262 22.28 11.71 -21.80
N PRO A 263 23.26 12.57 -21.48
CA PRO A 263 24.33 12.25 -20.50
C PRO A 263 23.80 11.66 -19.20
N HIS A 264 22.70 12.24 -18.70
CA HIS A 264 22.21 11.90 -17.37
C HIS A 264 21.61 10.51 -17.27
N ILE A 265 21.27 9.88 -18.40
CA ILE A 265 20.69 8.53 -18.37
C ILE A 265 21.82 7.51 -18.59
N ASN A 266 22.16 6.77 -17.55
CA ASN A 266 23.35 5.91 -17.60
C ASN A 266 23.42 4.71 -16.66
N THR A 267 22.26 4.21 -16.26
CA THR A 267 22.14 2.84 -15.71
C THR A 267 20.89 2.14 -16.25
N VAL A 268 20.89 0.82 -16.11
CA VAL A 268 19.72 0.00 -16.37
C VAL A 268 18.75 0.02 -15.17
N ASP A 269 17.64 0.76 -15.33
CA ASP A 269 16.67 0.95 -14.24
C ASP A 269 15.67 -0.18 -14.15
N CYS A 270 15.40 -0.85 -15.26
CA CYS A 270 14.40 -1.93 -15.30
C CYS A 270 14.82 -3.25 -15.91
N VAL A 271 14.17 -4.32 -15.44
CA VAL A 271 14.27 -5.65 -16.02
C VAL A 271 12.89 -6.14 -16.46
N GLU A 272 12.80 -6.47 -17.74
CA GLU A 272 11.56 -6.93 -18.37
C GLU A 272 11.64 -8.39 -18.67
N ILE A 273 10.81 -9.15 -17.96
CA ILE A 273 10.74 -10.58 -18.12
C ILE A 273 9.53 -10.94 -18.95
N TYR A 274 9.71 -11.62 -20.07
CA TYR A 274 8.58 -11.89 -20.94
C TYR A 274 8.40 -13.36 -21.22
N GLY A 275 7.17 -13.71 -21.58
CA GLY A 275 6.85 -15.04 -21.95
C GLY A 275 5.60 -15.10 -22.79
N PRO A 276 5.10 -16.32 -22.98
CA PRO A 276 3.92 -16.55 -23.80
C PRO A 276 2.66 -15.90 -23.25
N PRO A 277 1.81 -15.41 -24.16
CA PRO A 277 0.61 -14.73 -23.73
C PRO A 277 -0.41 -15.71 -23.15
N THR A 278 -1.15 -15.28 -22.14
CA THR A 278 -2.37 -15.98 -21.74
C THR A 278 -3.55 -15.48 -22.55
N ASN A 279 -3.66 -14.17 -22.65
CA ASN A 279 -4.70 -13.55 -23.45
C ASN A 279 -4.47 -13.79 -24.94
N PRO A 280 -5.49 -14.30 -25.66
CA PRO A 280 -5.33 -14.61 -27.09
C PRO A 280 -5.06 -13.39 -27.96
N GLU A 281 -5.51 -12.21 -27.53
CA GLU A 281 -5.17 -10.96 -28.22
C GLU A 281 -3.71 -10.50 -28.02
N ALA A 282 -2.98 -11.10 -27.09
CA ALA A 282 -1.63 -10.62 -26.79
C ALA A 282 -0.56 -11.39 -27.54
N ASN A 283 0.50 -10.69 -27.93
CA ASN A 283 1.66 -11.32 -28.53
C ASN A 283 2.44 -12.05 -27.46
N TYR A 284 2.60 -11.38 -26.31
CA TYR A 284 3.40 -11.87 -25.19
C TYR A 284 2.83 -11.32 -23.87
N LYS A 285 3.19 -11.96 -22.77
CA LYS A 285 2.99 -11.43 -21.44
C LYS A 285 4.36 -10.99 -20.89
N ASN A 286 4.39 -10.00 -19.99
CA ASN A 286 5.60 -9.61 -19.26
C ASN A 286 5.33 -9.07 -17.87
N VAL A 287 6.38 -9.08 -17.06
CA VAL A 287 6.41 -8.31 -15.84
C VAL A 287 7.73 -7.58 -15.77
N VAL A 288 7.66 -6.31 -15.40
CA VAL A 288 8.83 -5.45 -15.26
C VAL A 288 9.14 -5.27 -13.76
N ILE A 289 10.38 -5.60 -13.42
CA ILE A 289 10.95 -5.47 -12.09
C ILE A 289 11.95 -4.32 -12.09
N PHE A 290 11.82 -3.48 -11.08
CA PHE A 290 12.59 -2.28 -10.96
C PHE A 290 12.66 -1.85 -9.49
N GLY A 291 13.33 -0.72 -9.25
CA GLY A 291 13.35 -0.08 -7.93
C GLY A 291 13.67 -1.04 -6.82
N ASN A 292 13.07 -0.80 -5.65
CA ASN A 292 13.25 -1.69 -4.50
C ASN A 292 12.48 -3.00 -4.75
N ARG A 293 13.07 -3.85 -5.59
CA ARG A 293 12.44 -5.06 -6.17
CA ARG A 293 12.43 -5.08 -6.10
C ARG A 293 10.90 -5.00 -6.31
N GLN A 294 10.39 -3.83 -6.70
CA GLN A 294 8.96 -3.67 -6.93
C GLN A 294 8.62 -4.12 -8.36
N ALA A 295 7.42 -4.67 -8.53
CA ALA A 295 6.96 -5.19 -9.81
C ALA A 295 5.86 -4.31 -10.33
N ASP A 296 5.95 -3.91 -11.61
CA ASP A 296 4.92 -3.10 -12.29
C ASP A 296 3.65 -3.94 -12.52
N ARG A 297 2.47 -3.41 -12.16
CA ARG A 297 1.23 -4.17 -12.37
C ARG A 297 0.69 -4.06 -13.79
N SER A 298 1.09 -3.01 -14.48
CA SER A 298 0.70 -2.73 -15.85
C SER A 298 1.62 -3.49 -16.81
N PRO A 299 1.23 -3.54 -18.12
CA PRO A 299 2.13 -4.12 -19.14
C PRO A 299 3.39 -3.30 -19.39
N CYS A 300 3.47 -2.09 -18.80
CA CYS A 300 4.62 -1.20 -18.88
C CYS A 300 4.82 -0.57 -20.26
N GLY A 301 4.64 0.75 -20.34
CA GLY A 301 4.67 1.48 -21.62
C GLY A 301 6.08 1.64 -22.16
N THR A 302 7.02 2.07 -21.30
CA THR A 302 8.40 2.21 -21.75
C THR A 302 8.95 0.84 -22.10
N GLY A 303 8.50 -0.19 -21.39
CA GLY A 303 8.98 -1.54 -21.59
C GLY A 303 8.52 -2.09 -22.91
N THR A 304 7.27 -1.77 -23.23
CA THR A 304 6.69 -2.12 -24.52
C THR A 304 7.44 -1.42 -25.65
N SER A 305 7.80 -0.14 -25.46
CA SER A 305 8.59 0.60 -26.46
C SER A 305 9.93 -0.05 -26.66
N ALA A 306 10.55 -0.47 -25.58
CA ALA A 306 11.86 -1.10 -25.65
C ALA A 306 11.78 -2.46 -26.35
N LYS A 307 10.77 -3.25 -26.01
CA LYS A 307 10.54 -4.55 -26.62
C LYS A 307 10.30 -4.45 -28.11
N MET A 308 9.45 -3.49 -28.51
CA MET A 308 9.19 -3.26 -29.90
C MET A 308 10.42 -2.77 -30.67
N ALA A 309 11.24 -1.91 -30.05
CA ALA A 309 12.47 -1.45 -30.72
C ALA A 309 13.38 -2.65 -30.96
N THR A 310 13.40 -3.57 -30.00
CA THR A 310 14.28 -4.76 -30.09
C THR A 310 13.76 -5.70 -31.18
N LEU A 311 12.45 -5.96 -31.17
CA LEU A 311 11.84 -6.80 -32.21
C LEU A 311 12.02 -6.21 -33.58
N TYR A 312 11.80 -4.91 -33.69
CA TYR A 312 11.94 -4.20 -34.98
C TYR A 312 13.37 -4.29 -35.54
N ALA A 313 14.36 -4.02 -34.69
CA ALA A 313 15.77 -4.13 -35.07
C ALA A 313 16.12 -5.52 -35.58
N LYS A 314 15.43 -6.54 -35.08
CA LYS A 314 15.70 -7.92 -35.44
C LYS A 314 14.79 -8.46 -36.56
N GLY A 315 13.98 -7.58 -37.16
CA GLY A 315 13.13 -7.97 -38.27
C GLY A 315 11.91 -8.77 -37.87
N GLN A 316 11.53 -8.71 -36.60
CA GLN A 316 10.43 -9.53 -36.13
C GLN A 316 9.16 -8.72 -35.97
N LEU A 317 9.21 -7.42 -36.30
CA LEU A 317 8.06 -6.53 -36.22
C LEU A 317 8.15 -5.53 -37.35
N ARG A 318 7.09 -5.41 -38.14
CA ARG A 318 7.14 -4.43 -39.21
C ARG A 318 6.54 -3.09 -38.78
N ILE A 319 6.99 -2.05 -39.44
CA ILE A 319 6.52 -0.73 -39.18
C ILE A 319 5.00 -0.70 -39.32
N GLY A 320 4.32 -0.10 -38.34
CA GLY A 320 2.84 0.04 -38.36
C GLY A 320 2.07 -1.14 -37.80
N GLU A 321 2.74 -2.29 -37.68
CA GLU A 321 2.10 -3.49 -37.12
C GLU A 321 1.75 -3.34 -35.64
N THR A 322 0.57 -3.79 -35.25
CA THR A 322 0.12 -3.65 -33.86
C THR A 322 0.74 -4.74 -33.04
N PHE A 323 1.34 -4.35 -31.92
CA PHE A 323 1.92 -5.26 -30.96
C PHE A 323 1.16 -5.11 -29.63
N VAL A 324 0.81 -6.23 -29.02
CA VAL A 324 0.00 -6.23 -27.79
C VAL A 324 0.77 -6.96 -26.70
N TYR A 325 0.96 -6.28 -25.57
CA TYR A 325 1.71 -6.83 -24.43
C TYR A 325 0.72 -7.02 -23.29
N GLU A 326 0.76 -8.21 -22.70
CA GLU A 326 -0.06 -8.56 -21.55
C GLU A 326 0.71 -8.41 -20.22
N SER A 327 -0.02 -7.97 -19.21
CA SER A 327 0.51 -7.86 -17.87
C SER A 327 0.26 -9.12 -17.07
N ILE A 328 0.83 -9.09 -15.90
CA ILE A 328 0.63 -10.14 -14.90
C ILE A 328 -0.84 -10.24 -14.44
N LEU A 329 -1.59 -9.13 -14.51
CA LEU A 329 -3.01 -9.12 -14.15
C LEU A 329 -3.92 -9.40 -15.33
N GLY A 330 -3.38 -9.70 -16.52
CA GLY A 330 -4.21 -9.98 -17.69
C GLY A 330 -4.61 -8.75 -18.52
N SER A 331 -4.16 -7.57 -18.14
CA SER A 331 -4.43 -6.36 -18.92
C SER A 331 -3.47 -6.19 -20.09
N LEU A 332 -3.88 -5.37 -21.02
CA LEU A 332 -3.21 -5.20 -22.30
C LEU A 332 -2.80 -3.76 -22.56
N PHE A 333 -1.59 -3.55 -23.07
CA PHE A 333 -1.27 -2.32 -23.79
C PHE A 333 -1.05 -2.68 -25.27
N GLN A 334 -1.42 -1.75 -26.14
CA GLN A 334 -1.19 -1.87 -27.57
C GLN A 334 -0.10 -0.88 -27.99
N GLY A 335 0.65 -1.25 -29.00
CA GLY A 335 1.71 -0.42 -29.51
C GLY A 335 1.97 -0.67 -30.98
N ARG A 336 2.64 0.29 -31.59
CA ARG A 336 3.13 0.12 -32.94
C ARG A 336 4.30 1.05 -33.17
N VAL A 337 5.20 0.59 -34.02
CA VAL A 337 6.32 1.39 -34.44
C VAL A 337 5.87 2.30 -35.58
N LEU A 338 6.11 3.60 -35.43
CA LEU A 338 5.57 4.61 -36.37
C LEU A 338 6.59 5.09 -37.40
N GLY A 339 7.86 4.93 -37.06
CA GLY A 339 8.92 5.48 -37.88
C GLY A 339 10.25 4.99 -37.36
N GLU A 340 11.23 5.01 -38.26
CA GLU A 340 12.60 4.64 -37.92
C GLU A 340 13.50 5.75 -38.37
N GLU A 341 14.68 5.79 -37.78
CA GLU A 341 15.71 6.72 -38.23
C GLU A 341 17.04 6.09 -37.87
N ARG A 342 18.04 6.40 -38.67
CA ARG A 342 19.39 5.98 -38.39
C ARG A 342 20.21 7.24 -38.21
N ILE A 343 20.88 7.36 -37.07
CA ILE A 343 21.51 8.63 -36.67
C ILE A 343 23.02 8.61 -37.01
N PRO A 344 23.40 9.31 -38.10
CA PRO A 344 24.79 9.13 -38.57
C PRO A 344 25.87 9.54 -37.57
N GLY A 345 26.97 8.81 -37.53
CA GLY A 345 28.10 9.19 -36.66
C GLY A 345 27.88 8.90 -35.18
N VAL A 346 26.70 8.42 -34.81
CA VAL A 346 26.41 8.11 -33.42
C VAL A 346 26.10 6.62 -33.26
N LYS A 347 26.80 5.96 -32.35
CA LYS A 347 26.77 4.49 -32.26
C LYS A 347 26.50 3.93 -30.84
N VAL A 348 25.94 2.75 -30.78
CA VAL A 348 25.78 2.04 -29.52
C VAL A 348 26.40 0.67 -29.78
N PRO A 349 26.56 -0.14 -28.73
CA PRO A 349 27.28 -1.41 -28.88
C PRO A 349 26.80 -2.28 -30.03
N VAL A 350 25.50 -2.32 -30.23
CA VAL A 350 24.94 -3.19 -31.26
C VAL A 350 25.18 -2.62 -32.67
N THR A 351 25.44 -1.33 -32.77
CA THR A 351 25.70 -0.73 -34.07
C THR A 351 26.94 -1.40 -34.67
N LYS A 352 26.81 -1.95 -35.85
CA LYS A 352 27.94 -2.60 -36.49
C LYS A 352 28.97 -1.62 -37.02
N ASP A 353 30.20 -2.12 -37.07
CA ASP A 353 31.31 -1.50 -37.75
C ASP A 353 30.89 -1.06 -39.15
N ALA A 354 30.23 -1.97 -39.85
CA ALA A 354 29.75 -1.77 -41.21
C ALA A 354 28.59 -0.74 -41.37
N GLU A 355 28.04 -0.23 -40.25
CA GLU A 355 26.91 0.70 -40.29
C GLU A 355 27.36 2.08 -39.90
N GLU A 356 26.71 3.11 -40.47
CA GLU A 356 27.03 4.53 -40.21
C GLU A 356 26.48 5.11 -38.90
N GLY A 357 25.25 4.74 -38.59
CA GLY A 357 24.53 5.36 -37.51
C GLY A 357 23.60 4.38 -36.84
N MET A 358 23.31 4.65 -35.58
CA MET A 358 22.44 3.81 -34.80
C MET A 358 21.00 3.92 -35.28
N LEU A 359 20.32 2.77 -35.25
CA LEU A 359 18.89 2.72 -35.54
C LEU A 359 18.12 3.07 -34.27
N VAL A 360 17.18 3.99 -34.42
CA VAL A 360 16.18 4.31 -33.37
C VAL A 360 14.81 4.25 -33.99
N VAL A 361 13.78 4.11 -33.15
CA VAL A 361 12.38 4.08 -33.61
C VAL A 361 11.46 4.97 -32.77
N THR A 362 10.40 5.41 -33.42
CA THR A 362 9.33 6.16 -32.78
C THR A 362 8.21 5.18 -32.56
N ALA A 363 7.89 4.94 -31.30
CA ALA A 363 6.96 3.92 -30.88
C ALA A 363 5.78 4.59 -30.21
N GLU A 364 4.58 4.15 -30.57
CA GLU A 364 3.36 4.57 -29.92
C GLU A 364 2.84 3.50 -28.97
N ILE A 365 2.42 3.91 -27.77
CA ILE A 365 1.80 2.99 -26.82
C ILE A 365 0.41 3.50 -26.44
N THR A 366 -0.53 2.57 -26.33
CA THR A 366 -1.92 2.87 -25.97
C THR A 366 -2.37 2.00 -24.80
N GLY A 367 -3.02 2.66 -23.85
CA GLY A 367 -3.66 2.04 -22.70
C GLY A 367 -4.77 2.88 -22.04
N LYS A 368 -5.39 2.34 -21.00
CA LYS A 368 -6.53 3.00 -20.36
C LYS A 368 -6.28 3.27 -18.87
N ALA A 369 -6.51 4.51 -18.46
CA ALA A 369 -6.36 4.89 -17.07
C ALA A 369 -7.69 5.40 -16.51
N PHE A 370 -7.85 5.29 -15.19
CA PHE A 370 -9.02 5.78 -14.47
C PHE A 370 -8.64 6.64 -13.30
N ILE A 371 -9.45 7.66 -13.03
CA ILE A 371 -9.32 8.41 -11.78
C ILE A 371 -9.90 7.53 -10.68
N MET A 372 -9.15 7.37 -9.60
CA MET A 372 -9.63 6.58 -8.46
C MET A 372 -9.82 7.43 -7.21
N GLY A 373 -9.41 8.68 -7.26
CA GLY A 373 -9.63 9.57 -6.15
C GLY A 373 -9.01 10.94 -6.30
N PHE A 374 -9.48 11.85 -5.45
CA PHE A 374 -8.95 13.19 -5.31
C PHE A 374 -8.57 13.27 -3.87
N ASN A 375 -7.29 13.49 -3.62
CA ASN A 375 -6.77 13.48 -2.29
C ASN A 375 -6.03 14.79 -1.92
N THR A 376 -6.20 15.20 -0.68
CA THR A 376 -5.37 16.24 -0.10
C THR A 376 -4.53 15.56 0.97
N MET A 377 -3.24 15.38 0.67
CA MET A 377 -2.36 14.66 1.58
CA MET A 377 -2.26 14.68 1.52
C MET A 377 -1.80 15.62 2.63
N LEU A 378 -1.87 15.21 3.90
CA LEU A 378 -1.46 16.07 5.00
C LEU A 378 -0.18 15.58 5.70
N PHE A 379 0.60 16.53 6.20
CA PHE A 379 1.91 16.22 6.85
C PHE A 379 2.11 17.07 8.11
N ASP A 380 1.59 16.59 9.23
CA ASP A 380 1.73 17.28 10.50
C ASP A 380 3.19 17.21 10.88
N PRO A 381 3.80 18.37 11.24
CA PRO A 381 5.22 18.44 11.59
C PRO A 381 5.65 17.48 12.69
N THR A 382 4.72 17.09 13.55
CA THR A 382 4.99 16.17 14.64
C THR A 382 4.58 14.75 14.31
N ASP A 383 4.20 14.48 13.07
CA ASP A 383 3.92 13.12 12.67
C ASP A 383 5.27 12.44 12.57
N PRO A 384 5.52 11.45 13.40
CA PRO A 384 6.80 10.74 13.24
C PRO A 384 6.93 9.96 11.93
N PHE A 385 5.83 9.79 11.18
CA PHE A 385 5.90 9.14 9.86
C PHE A 385 5.51 10.10 8.74
N LYS A 386 5.80 11.37 8.96
CA LYS A 386 5.60 12.38 7.92
C LYS A 386 6.45 12.17 6.69
N ASN A 387 7.57 11.42 6.81
CA ASN A 387 8.38 11.09 5.65
C ASN A 387 8.27 9.62 5.28
N GLY A 388 7.22 8.96 5.78
CA GLY A 388 6.92 7.61 5.39
C GLY A 388 7.87 6.59 5.99
N PHE A 389 7.65 5.33 5.64
CA PHE A 389 8.46 4.20 6.10
C PHE A 389 8.21 3.02 5.19
N THR A 390 9.15 2.07 5.21
CA THR A 390 8.95 0.77 4.59
C THR A 390 9.50 -0.32 5.49
N LEU A 391 8.80 -1.44 5.49
CA LEU A 391 9.22 -2.62 6.19
C LEU A 391 9.89 -3.59 5.24
N LYS A 392 10.12 -3.17 3.99
CA LYS A 392 10.77 -4.04 3.02
C LYS A 392 12.27 -4.13 3.33
N GLN A 393 12.83 -5.33 3.32
CA GLN A 393 14.25 -5.52 3.65
C GLN A 393 15.22 -4.93 2.61
N TYR A 394 16.24 -4.21 3.11
CA TYR A 394 17.26 -3.56 2.27
C TYR A 394 16.68 -2.87 1.02
N LYS B 43 -21.62 5.53 -10.87
CA LYS B 43 -20.40 6.37 -10.59
C LYS B 43 -20.25 6.75 -9.10
N LYS B 44 -19.95 5.75 -8.27
CA LYS B 44 -19.97 5.92 -6.83
C LYS B 44 -18.82 6.78 -6.31
N SER B 45 -19.04 7.34 -5.13
CA SER B 45 -18.12 8.27 -4.54
C SER B 45 -18.15 8.18 -3.01
N PHE B 46 -17.01 7.93 -2.37
CA PHE B 46 -16.96 7.87 -0.92
C PHE B 46 -16.02 8.92 -0.41
N THR B 47 -16.37 9.56 0.69
CA THR B 47 -15.40 10.44 1.32
C THR B 47 -14.81 9.72 2.51
N CYS B 48 -13.51 9.93 2.70
CA CYS B 48 -12.73 9.26 3.75
CA CYS B 48 -12.90 9.34 3.87
C CYS B 48 -11.83 10.23 4.46
N ILE B 49 -11.66 10.05 5.77
CA ILE B 49 -10.61 10.69 6.46
C ILE B 49 -9.57 9.58 6.59
N ASP B 50 -8.47 9.74 5.88
CA ASP B 50 -7.37 8.81 6.01
C ASP B 50 -6.53 9.21 7.22
N MET B 51 -6.40 8.27 8.14
CA MET B 51 -5.66 8.43 9.38
C MET B 51 -4.60 7.35 9.44
N HIS B 52 -3.63 7.55 10.32
CA HIS B 52 -2.80 6.46 10.79
C HIS B 52 -2.51 6.59 12.26
N THR B 53 -2.41 5.44 12.91
CA THR B 53 -2.09 5.35 14.29
C THR B 53 -0.72 4.71 14.43
N GLU B 54 0.26 5.57 14.65
CA GLU B 54 1.63 5.16 14.78
C GLU B 54 2.05 4.25 13.63
N GLY B 55 1.69 4.65 12.41
CA GLY B 55 2.09 3.97 11.21
C GLY B 55 1.07 3.03 10.62
N GLU B 56 0.08 2.67 11.41
CA GLU B 56 -0.91 1.68 11.00
C GLU B 56 -2.16 2.43 10.46
N ALA B 57 -2.58 2.07 9.25
CA ALA B 57 -3.64 2.79 8.52
C ALA B 57 -4.99 2.70 9.20
N ALA B 58 -5.77 3.77 9.03
CA ALA B 58 -7.17 3.76 9.42
C ALA B 58 -7.91 4.66 8.43
N ARG B 59 -8.50 4.02 7.43
CA ARG B 59 -9.23 4.70 6.39
C ARG B 59 -10.70 4.73 6.85
N ILE B 60 -11.10 5.88 7.34
CA ILE B 60 -12.42 6.07 7.93
C ILE B 60 -13.38 6.71 6.94
N VAL B 61 -14.37 5.92 6.52
CA VAL B 61 -15.32 6.32 5.52
C VAL B 61 -16.46 7.08 6.18
N THR B 62 -16.54 8.37 5.86
CA THR B 62 -17.49 9.27 6.52
C THR B 62 -18.77 9.54 5.73
N SER B 63 -18.79 9.23 4.43
CA SER B 63 -19.97 9.50 3.61
CA SER B 63 -19.96 9.51 3.60
C SER B 63 -19.93 8.75 2.30
N GLY B 64 -21.11 8.59 1.71
CA GLY B 64 -21.27 7.99 0.40
C GLY B 64 -21.63 6.51 0.39
N LEU B 65 -21.60 5.85 1.54
CA LEU B 65 -21.91 4.42 1.57
C LEU B 65 -23.40 4.26 1.32
N PRO B 66 -23.79 3.15 0.69
CA PRO B 66 -25.21 2.83 0.52
C PRO B 66 -25.86 2.57 1.84
N HIS B 67 -27.19 2.57 1.86
CA HIS B 67 -27.91 2.28 3.09
C HIS B 67 -27.86 0.78 3.39
N ILE B 68 -27.48 0.45 4.63
CA ILE B 68 -27.22 -0.90 5.08
C ILE B 68 -28.16 -1.20 6.24
N PRO B 69 -28.93 -2.30 6.14
CA PRO B 69 -29.81 -2.73 7.22
C PRO B 69 -29.09 -3.20 8.47
N GLY B 70 -29.85 -3.36 9.54
CA GLY B 70 -29.40 -4.02 10.77
C GLY B 70 -29.98 -3.38 12.02
N SER B 71 -30.35 -4.19 13.00
CA SER B 71 -30.95 -3.63 14.21
C SER B 71 -29.93 -3.46 15.27
N ASN B 72 -28.71 -3.98 15.03
CA ASN B 72 -27.57 -3.69 15.89
C ASN B 72 -26.30 -3.73 15.06
N MET B 73 -25.18 -3.36 15.65
CA MET B 73 -23.98 -3.20 14.84
C MET B 73 -23.44 -4.57 14.33
N ALA B 74 -23.57 -5.62 15.14
CA ALA B 74 -23.19 -6.99 14.71
C ALA B 74 -23.99 -7.42 13.47
N GLU B 75 -25.28 -7.08 13.43
CA GLU B 75 -26.08 -7.43 12.26
C GLU B 75 -25.68 -6.63 11.03
N LYS B 76 -25.33 -5.36 11.25
CA LYS B 76 -24.91 -4.54 10.16
C LYS B 76 -23.61 -5.09 9.55
N LYS B 77 -22.68 -5.51 10.41
CA LYS B 77 -21.43 -6.12 9.93
C LYS B 77 -21.73 -7.44 9.18
N ALA B 78 -22.65 -8.23 9.72
CA ALA B 78 -23.01 -9.48 9.05
C ALA B 78 -23.57 -9.18 7.69
N TYR B 79 -24.39 -8.15 7.58
CA TYR B 79 -24.94 -7.79 6.29
C TYR B 79 -23.88 -7.38 5.30
N LEU B 80 -22.95 -6.55 5.77
CA LEU B 80 -21.83 -6.15 4.95
C LEU B 80 -21.06 -7.38 4.43
N GLN B 81 -20.79 -8.33 5.31
CA GLN B 81 -19.93 -9.46 4.91
C GLN B 81 -20.67 -10.44 4.00
N GLU B 82 -21.98 -10.60 4.16
CA GLU B 82 -22.75 -11.52 3.30
C GLU B 82 -23.23 -10.95 1.98
N ASN B 83 -23.41 -9.63 1.92
CA ASN B 83 -24.00 -9.02 0.75
C ASN B 83 -23.29 -7.85 0.14
N MET B 84 -22.27 -7.30 0.81
CA MET B 84 -21.64 -6.10 0.29
C MET B 84 -20.15 -6.09 0.52
N ASP B 85 -19.49 -7.22 0.25
CA ASP B 85 -18.07 -7.32 0.52
C ASP B 85 -17.29 -6.52 -0.52
N TYR B 86 -17.89 -6.23 -1.68
CA TYR B 86 -17.23 -5.43 -2.71
C TYR B 86 -16.90 -3.99 -2.24
N LEU B 87 -17.65 -3.46 -1.26
CA LEU B 87 -17.35 -2.14 -0.71
C LEU B 87 -15.99 -2.19 0.00
N ARG B 88 -15.83 -3.19 0.85
CA ARG B 88 -14.54 -3.39 1.57
C ARG B 88 -13.42 -3.55 0.56
N ARG B 89 -13.60 -4.45 -0.42
CA ARG B 89 -12.52 -4.76 -1.35
C ARG B 89 -12.09 -3.53 -2.14
N GLY B 90 -13.04 -2.73 -2.61
CA GLY B 90 -12.73 -1.51 -3.36
C GLY B 90 -11.88 -0.49 -2.61
N ILE B 91 -12.16 -0.34 -1.32
CA ILE B 91 -11.53 0.70 -0.50
C ILE B 91 -10.23 0.21 0.16
N MET B 92 -10.17 -1.08 0.46
CA MET B 92 -8.98 -1.67 1.12
C MET B 92 -7.89 -2.14 0.18
N LEU B 93 -8.28 -2.78 -0.93
CA LEU B 93 -7.28 -3.39 -1.81
C LEU B 93 -6.66 -2.42 -2.81
N GLU B 94 -5.44 -2.72 -3.29
CA GLU B 94 -4.93 -2.09 -4.51
C GLU B 94 -6.05 -1.99 -5.56
N PRO B 95 -6.09 -0.91 -6.33
CA PRO B 95 -5.19 0.22 -6.37
C PRO B 95 -5.45 1.36 -5.39
N ARG B 96 -6.65 1.43 -4.81
CA ARG B 96 -6.98 2.51 -3.88
C ARG B 96 -6.37 2.28 -2.50
N GLY B 97 -6.14 1.03 -2.16
CA GLY B 97 -5.56 0.70 -0.90
C GLY B 97 -4.32 -0.12 -1.19
N HIS B 98 -4.12 -1.15 -0.40
CA HIS B 98 -2.93 -2.04 -0.48
C HIS B 98 -3.06 -3.14 0.55
N ASP B 99 -2.14 -4.11 0.50
CA ASP B 99 -2.29 -5.36 1.26
C ASP B 99 -2.39 -5.16 2.77
N ASP B 100 -1.81 -4.08 3.27
CA ASP B 100 -1.84 -3.74 4.70
C ASP B 100 -2.75 -2.54 5.06
N MET B 101 -3.68 -2.23 4.17
CA MET B 101 -4.66 -1.20 4.46
C MET B 101 -5.66 -1.71 5.53
N PHE B 102 -6.17 -0.78 6.32
CA PHE B 102 -7.13 -1.10 7.36
C PHE B 102 -8.13 0.04 7.43
N GLY B 103 -9.38 -0.24 7.81
CA GLY B 103 -10.37 0.83 7.83
C GLY B 103 -11.67 0.57 8.55
N ALA B 104 -12.61 1.50 8.37
CA ALA B 104 -13.82 1.47 9.12
C ALA B 104 -14.89 2.30 8.38
N PHE B 105 -16.14 1.84 8.48
CA PHE B 105 -17.33 2.55 7.99
C PHE B 105 -18.09 3.13 9.18
N LEU B 106 -18.39 4.42 9.12
CA LEU B 106 -19.25 5.07 10.14
C LEU B 106 -20.70 4.93 9.78
N PHE B 107 -21.48 4.77 10.83
CA PHE B 107 -22.93 4.59 10.76
C PHE B 107 -23.56 5.40 11.90
N ASP B 108 -24.87 5.61 11.84
CA ASP B 108 -25.60 6.14 12.99
C ASP B 108 -25.46 5.16 14.12
N PRO B 109 -25.29 5.64 15.37
CA PRO B 109 -25.29 4.70 16.47
C PRO B 109 -26.65 4.10 16.71
N ILE B 110 -26.68 2.94 17.31
CA ILE B 110 -27.94 2.22 17.55
C ILE B 110 -28.08 1.96 19.04
N GLU B 111 -27.01 1.43 19.62
CA GLU B 111 -26.96 1.15 21.04
C GLU B 111 -27.05 2.45 21.84
N GLU B 112 -27.92 2.45 22.85
CA GLU B 112 -28.14 3.59 23.75
C GLU B 112 -26.83 4.11 24.31
N GLY B 113 -26.62 5.42 24.25
CA GLY B 113 -25.42 6.02 24.85
C GLY B 113 -24.28 6.28 23.87
N ALA B 114 -24.37 5.68 22.67
CA ALA B 114 -23.29 5.78 21.71
C ALA B 114 -23.45 7.00 20.83
N ASP B 115 -22.32 7.54 20.38
CA ASP B 115 -22.24 8.65 19.44
C ASP B 115 -22.10 8.18 17.97
N LEU B 116 -21.38 7.07 17.73
CA LEU B 116 -21.09 6.63 16.36
C LEU B 116 -21.19 5.12 16.26
N GLY B 117 -21.76 4.65 15.17
CA GLY B 117 -21.73 3.24 14.87
C GLY B 117 -20.53 3.05 13.99
N ILE B 118 -19.89 1.90 14.13
CA ILE B 118 -18.69 1.61 13.39
C ILE B 118 -18.50 0.11 13.13
N VAL B 119 -18.05 -0.20 11.91
CA VAL B 119 -17.68 -1.57 11.51
C VAL B 119 -16.28 -1.49 10.90
N PHE B 120 -15.39 -2.32 11.43
CA PHE B 120 -13.97 -2.33 11.08
C PHE B 120 -13.72 -3.31 9.96
N MET B 121 -12.60 -3.17 9.25
CA MET B 121 -12.22 -4.17 8.23
C MET B 121 -10.74 -4.08 7.86
N ASP B 122 -10.23 -5.12 7.22
CA ASP B 122 -8.92 -5.06 6.64
C ASP B 122 -8.98 -5.74 5.30
N THR B 123 -7.82 -6.07 4.72
CA THR B 123 -7.78 -6.70 3.41
C THR B 123 -8.32 -8.13 3.40
N GLY B 124 -8.41 -8.78 4.56
CA GLY B 124 -8.89 -10.14 4.68
C GLY B 124 -10.38 -10.24 4.98
N GLY B 125 -10.96 -9.25 5.64
CA GLY B 125 -12.40 -9.31 5.92
C GLY B 125 -12.87 -8.17 6.78
N TYR B 126 -14.17 -8.15 7.10
CA TYR B 126 -14.70 -7.23 8.10
C TYR B 126 -14.35 -7.77 9.54
N LEU B 127 -14.06 -6.88 10.49
CA LEU B 127 -13.81 -7.28 11.86
C LEU B 127 -14.73 -6.63 12.94
N ASN B 128 -14.70 -7.26 14.11
CA ASN B 128 -15.54 -6.89 15.28
C ASN B 128 -14.96 -5.77 16.09
N MET B 129 -13.65 -5.83 16.39
CA MET B 129 -12.99 -4.73 17.09
C MET B 129 -11.58 -4.48 16.59
N CYS B 130 -11.15 -3.24 16.70
CA CYS B 130 -9.86 -2.81 16.29
C CYS B 130 -9.44 -1.67 17.17
N GLY B 131 -8.45 -1.93 18.02
CA GLY B 131 -7.94 -0.89 18.91
C GLY B 131 -7.40 0.33 18.19
N HIS B 132 -6.54 0.14 17.19
CA HIS B 132 -5.90 1.31 16.57
C HIS B 132 -6.92 2.16 15.80
N ASN B 133 -7.88 1.54 15.12
CA ASN B 133 -8.88 2.30 14.36
C ASN B 133 -9.92 3.00 15.25
N SER B 134 -10.20 2.43 16.42
CA SER B 134 -11.02 3.08 17.41
C SER B 134 -10.38 4.37 17.91
N ILE B 135 -9.11 4.31 18.28
CA ILE B 135 -8.34 5.53 18.57
C ILE B 135 -8.37 6.55 17.45
N ALA B 136 -8.26 6.08 16.21
CA ALA B 136 -8.28 6.99 15.09
C ALA B 136 -9.66 7.61 14.91
N ALA B 137 -10.70 6.79 15.08
CA ALA B 137 -12.08 7.25 14.92
C ALA B 137 -12.48 8.30 15.96
N VAL B 138 -12.09 8.07 17.21
CA VAL B 138 -12.30 9.01 18.32
C VAL B 138 -11.62 10.32 17.94
N THR B 139 -10.37 10.19 17.54
CA THR B 139 -9.60 11.35 17.13
C THR B 139 -10.26 12.12 15.98
N ALA B 140 -10.56 11.44 14.87
CA ALA B 140 -11.21 12.09 13.71
C ALA B 140 -12.56 12.70 14.08
N ALA B 141 -13.29 12.01 14.94
CA ALA B 141 -14.61 12.44 15.36
C ALA B 141 -14.49 13.80 15.98
N VAL B 142 -13.52 14.01 16.88
CA VAL B 142 -13.37 15.34 17.48
C VAL B 142 -12.70 16.35 16.54
N GLU B 143 -11.64 15.95 15.85
CA GLU B 143 -10.94 16.91 15.01
C GLU B 143 -11.74 17.44 13.83
N THR B 144 -12.68 16.66 13.30
CA THR B 144 -13.47 17.12 12.15
C THR B 144 -14.87 17.54 12.54
N GLY B 145 -15.17 17.51 13.83
CA GLY B 145 -16.43 18.02 14.33
C GLY B 145 -17.60 17.09 14.12
N ILE B 146 -17.37 15.79 14.27
CA ILE B 146 -18.46 14.84 14.22
C ILE B 146 -19.17 14.79 15.56
N VAL B 147 -18.44 14.93 16.67
CA VAL B 147 -19.09 15.15 17.96
C VAL B 147 -18.70 16.52 18.49
N SER B 148 -19.57 17.07 19.34
CA SER B 148 -19.42 18.41 19.88
C SER B 148 -18.30 18.51 20.90
N VAL B 149 -17.71 19.69 20.99
CA VAL B 149 -16.80 20.02 22.07
C VAL B 149 -17.49 21.01 23.03
N PRO B 150 -17.79 20.57 24.27
CA PRO B 150 -18.28 21.52 25.28
C PRO B 150 -17.31 22.70 25.43
N ALA B 151 -17.83 23.88 25.78
CA ALA B 151 -16.97 25.06 25.94
C ALA B 151 -15.98 24.87 27.10
N LYS B 152 -14.72 25.22 26.86
CA LYS B 152 -13.65 25.06 27.85
C LYS B 152 -13.42 23.61 28.33
N ALA B 153 -13.71 22.61 27.50
CA ALA B 153 -13.42 21.21 27.87
C ALA B 153 -12.00 20.85 27.47
N THR B 154 -11.38 19.94 28.21
CA THR B 154 -10.05 19.39 27.87
C THR B 154 -10.11 17.91 27.46
N ASN B 155 -11.27 17.27 27.63
CA ASN B 155 -11.50 15.87 27.29
C ASN B 155 -12.88 15.76 26.69
N VAL B 156 -13.01 15.00 25.62
CA VAL B 156 -14.30 14.80 24.94
C VAL B 156 -14.58 13.32 24.83
N PRO B 157 -15.65 12.85 25.46
CA PRO B 157 -16.05 11.47 25.25
C PRO B 157 -16.61 11.24 23.85
N VAL B 158 -16.19 10.12 23.25
CA VAL B 158 -16.77 9.62 22.00
C VAL B 158 -17.04 8.15 22.24
N VAL B 159 -18.32 7.76 22.25
CA VAL B 159 -18.69 6.37 22.48
C VAL B 159 -18.99 5.69 21.14
N LEU B 160 -18.25 4.61 20.85
CA LEU B 160 -18.43 3.87 19.61
C LEU B 160 -19.30 2.66 19.81
N ASP B 161 -20.27 2.50 18.90
CA ASP B 161 -21.12 1.32 18.91
C ASP B 161 -20.54 0.33 17.88
N THR B 162 -19.76 -0.64 18.36
CA THR B 162 -19.10 -1.64 17.50
C THR B 162 -19.78 -3.00 17.52
N PRO B 163 -19.45 -3.86 16.53
CA PRO B 163 -19.98 -5.23 16.59
C PRO B 163 -19.62 -6.01 17.85
N ALA B 164 -18.49 -5.70 18.49
CA ALA B 164 -18.14 -6.29 19.78
C ALA B 164 -18.70 -5.54 21.03
N GLY B 165 -19.59 -4.56 20.86
CA GLY B 165 -20.13 -3.81 21.99
C GLY B 165 -19.61 -2.37 22.05
N LEU B 166 -19.97 -1.68 23.13
CA LEU B 166 -19.64 -0.28 23.27
C LEU B 166 -18.18 -0.09 23.62
N VAL B 167 -17.57 0.86 22.94
CA VAL B 167 -16.21 1.23 23.23
C VAL B 167 -16.21 2.71 23.58
N ARG B 168 -15.99 2.99 24.86
CA ARG B 168 -16.04 4.34 25.39
C ARG B 168 -14.70 4.98 25.22
N GLY B 169 -14.63 5.96 24.34
CA GLY B 169 -13.40 6.65 24.05
C GLY B 169 -13.38 8.04 24.62
N THR B 170 -12.17 8.56 24.77
CA THR B 170 -11.97 9.95 25.18
C THR B 170 -10.90 10.62 24.34
N ALA B 171 -11.26 11.71 23.67
CA ALA B 171 -10.27 12.55 22.99
C ALA B 171 -9.70 13.58 24.00
N HIS B 172 -8.39 13.55 24.16
CA HIS B 172 -7.67 14.48 25.04
C HIS B 172 -7.17 15.65 24.22
N LEU B 173 -7.65 16.84 24.56
CA LEU B 173 -7.40 18.00 23.74
C LEU B 173 -6.12 18.72 24.11
N GLN B 174 -5.43 19.26 23.10
CA GLN B 174 -4.25 20.10 23.31
C GLN B 174 -4.55 21.39 24.09
N SER B 175 -3.65 21.74 25.03
CA SER B 175 -3.71 23.00 25.80
C SER B 175 -4.29 24.16 25.00
N GLY B 176 -5.48 24.60 25.37
CA GLY B 176 -6.13 25.72 24.71
C GLY B 176 -6.22 25.61 23.20
N THR B 177 -7.04 24.68 22.70
CA THR B 177 -7.44 24.66 21.29
C THR B 177 -8.95 24.44 21.18
N GLU B 178 -9.53 24.81 20.04
CA GLU B 178 -10.94 24.55 19.78
C GLU B 178 -11.19 23.04 19.78
N SER B 179 -10.34 22.28 19.07
CA SER B 179 -10.51 20.82 18.95
C SER B 179 -9.30 20.08 18.37
N GLU B 180 -8.08 20.51 18.70
CA GLU B 180 -6.91 19.74 18.32
C GLU B 180 -6.73 18.65 19.36
N VAL B 181 -6.58 17.41 18.87
CA VAL B 181 -6.47 16.26 19.72
C VAL B 181 -5.01 15.95 20.00
N SER B 182 -4.67 15.80 21.27
CA SER B 182 -3.33 15.43 21.69
C SER B 182 -3.13 13.90 21.59
N ASN B 183 -4.09 13.15 22.11
CA ASN B 183 -4.13 11.71 21.97
C ASN B 183 -5.52 11.25 22.39
N ALA B 184 -5.78 9.96 22.24
CA ALA B 184 -7.08 9.42 22.57
C ALA B 184 -6.96 8.13 23.37
N SER B 185 -7.92 7.94 24.28
CA SER B 185 -8.04 6.73 25.05
C SER B 185 -9.27 5.99 24.62
N ILE B 186 -9.19 4.68 24.71
CA ILE B 186 -10.34 3.83 24.55
C ILE B 186 -10.41 2.89 25.74
N ILE B 187 -11.59 2.78 26.33
CA ILE B 187 -11.82 1.71 27.27
C ILE B 187 -12.31 0.50 26.48
N ASN B 188 -11.51 -0.54 26.44
CA ASN B 188 -11.86 -1.70 25.67
C ASN B 188 -13.10 -2.37 26.20
N VAL B 189 -13.61 -3.33 25.43
CA VAL B 189 -14.63 -4.22 25.95
C VAL B 189 -13.94 -5.15 26.93
N PRO B 190 -14.71 -5.85 27.77
CA PRO B 190 -14.09 -6.65 28.83
C PRO B 190 -13.05 -7.62 28.29
N SER B 191 -11.91 -7.70 28.98
CA SER B 191 -10.80 -8.50 28.56
C SER B 191 -10.47 -9.51 29.65
N PHE B 192 -9.84 -10.62 29.26
CA PHE B 192 -9.44 -11.68 30.21
C PHE B 192 -8.40 -12.65 29.70
N LEU B 193 -7.63 -13.20 30.63
CA LEU B 193 -6.88 -14.40 30.35
C LEU B 193 -7.90 -15.51 30.15
N TYR B 194 -7.58 -16.46 29.26
CA TYR B 194 -8.52 -17.53 28.92
C TYR B 194 -7.94 -18.87 29.34
N GLN B 195 -6.70 -19.12 28.95
CA GLN B 195 -6.04 -20.35 29.28
C GLN B 195 -4.55 -20.09 29.30
N GLN B 196 -3.85 -20.83 30.14
CA GLN B 196 -2.50 -20.48 30.56
C GLN B 196 -1.47 -21.59 30.30
N ASP B 197 -0.21 -21.15 30.21
CA ASP B 197 0.94 -21.98 29.92
C ASP B 197 0.66 -23.15 28.98
N VAL B 198 0.00 -22.84 27.86
CA VAL B 198 -0.27 -23.80 26.80
C VAL B 198 1.03 -24.10 26.04
N VAL B 199 1.49 -25.35 26.12
CA VAL B 199 2.71 -25.80 25.43
C VAL B 199 2.37 -26.25 24.00
N VAL B 200 3.21 -25.85 23.05
CA VAL B 200 2.97 -26.09 21.64
C VAL B 200 4.23 -26.65 20.98
N VAL B 201 4.11 -27.86 20.45
CA VAL B 201 5.19 -28.53 19.76
C VAL B 201 5.11 -28.10 18.30
N LEU B 202 6.04 -27.26 17.89
CA LEU B 202 6.10 -26.80 16.50
C LEU B 202 7.18 -27.55 15.74
N PRO B 203 7.06 -27.58 14.40
CA PRO B 203 8.20 -28.09 13.61
C PRO B 203 9.48 -27.29 13.89
N LYS B 204 10.64 -27.89 13.62
CA LYS B 204 11.91 -27.20 13.87
C LYS B 204 12.07 -25.97 12.98
N PRO B 205 12.96 -25.02 13.37
CA PRO B 205 13.83 -25.01 14.57
C PRO B 205 13.15 -24.67 15.90
N TYR B 206 11.82 -24.56 15.89
CA TYR B 206 11.06 -24.10 17.05
C TYR B 206 10.89 -25.15 18.14
N GLY B 207 10.30 -26.28 17.79
CA GLY B 207 10.02 -27.32 18.77
C GLY B 207 9.01 -26.85 19.81
N GLU B 208 9.43 -26.90 21.07
CA GLU B 208 8.57 -26.60 22.20
C GLU B 208 8.43 -25.09 22.37
N VAL B 209 7.19 -24.57 22.34
CA VAL B 209 6.94 -23.18 22.76
C VAL B 209 5.71 -23.08 23.66
N ARG B 210 5.80 -22.26 24.71
CA ARG B 210 4.67 -22.06 25.60
C ARG B 210 4.01 -20.69 25.38
N VAL B 211 2.69 -20.71 25.27
CA VAL B 211 1.93 -19.50 25.06
C VAL B 211 0.84 -19.39 26.12
N ASP B 212 0.33 -18.18 26.28
CA ASP B 212 -0.95 -17.99 26.96
C ASP B 212 -1.92 -17.59 25.89
N ILE B 213 -3.19 -17.73 26.20
CA ILE B 213 -4.25 -17.39 25.30
C ILE B 213 -5.09 -16.40 26.09
N ALA B 214 -5.47 -15.28 25.44
CA ALA B 214 -6.24 -14.21 26.09
C ALA B 214 -7.14 -13.47 25.12
N PHE B 215 -8.13 -12.77 25.65
CA PHE B 215 -9.09 -11.99 24.85
C PHE B 215 -8.96 -10.51 25.20
N GLY B 216 -8.98 -9.64 24.18
CA GLY B 216 -8.97 -8.18 24.36
C GLY B 216 -9.91 -7.39 23.45
N GLY B 217 -10.89 -8.09 22.90
CA GLY B 217 -11.75 -7.56 21.83
C GLY B 217 -11.56 -8.45 20.61
N ASN B 218 -10.41 -9.11 20.57
CA ASN B 218 -10.10 -10.23 19.67
C ASN B 218 -9.38 -11.28 20.53
N PHE B 219 -9.37 -12.53 20.09
CA PHE B 219 -8.57 -13.56 20.77
C PHE B 219 -7.09 -13.53 20.35
N PHE B 220 -6.18 -13.72 21.31
CA PHE B 220 -4.75 -13.69 21.05
C PHE B 220 -4.09 -14.89 21.63
N ALA B 221 -3.00 -15.32 21.00
CA ALA B 221 -2.02 -16.21 21.60
C ALA B 221 -0.80 -15.37 21.86
N ILE B 222 -0.44 -15.20 23.12
CA ILE B 222 0.68 -14.35 23.50
C ILE B 222 1.87 -15.27 23.70
N VAL B 223 3.01 -14.92 23.11
CA VAL B 223 4.16 -15.79 23.13
C VAL B 223 5.43 -14.97 23.20
N PRO B 224 6.38 -15.36 24.06
CA PRO B 224 7.65 -14.66 24.02
C PRO B 224 8.35 -14.93 22.70
N ALA B 225 8.91 -13.89 22.12
CA ALA B 225 9.78 -14.04 20.97
C ALA B 225 10.88 -15.05 21.27
N GLU B 226 11.49 -14.92 22.43
CA GLU B 226 12.57 -15.82 22.91
C GLU B 226 12.25 -17.31 22.72
N GLN B 227 11.02 -17.71 23.02
CA GLN B 227 10.52 -19.09 22.78
C GLN B 227 10.61 -19.53 21.32
N LEU B 228 10.46 -18.59 20.40
CA LEU B 228 10.58 -18.88 18.97
C LEU B 228 12.01 -18.83 18.47
N GLY B 229 12.90 -18.21 19.25
CA GLY B 229 14.30 -18.04 18.86
C GLY B 229 14.58 -16.85 17.96
N ILE B 230 13.59 -15.99 17.74
CA ILE B 230 13.75 -14.83 16.85
C ILE B 230 13.77 -13.52 17.64
N ASP B 231 14.69 -12.62 17.31
CA ASP B 231 14.65 -11.27 17.90
C ASP B 231 13.68 -10.42 17.11
N ILE B 232 12.87 -9.64 17.84
CA ILE B 232 11.89 -8.77 17.24
C ILE B 232 12.58 -7.58 16.59
N SER B 233 12.52 -7.54 15.26
CA SER B 233 13.03 -6.40 14.49
C SER B 233 12.40 -6.42 13.10
N VAL B 234 12.56 -5.32 12.38
CA VAL B 234 12.04 -5.21 11.03
C VAL B 234 12.68 -6.27 10.12
N GLN B 235 13.99 -6.44 10.24
CA GLN B 235 14.70 -7.49 9.48
C GLN B 235 14.10 -8.89 9.67
N ASN B 236 13.59 -9.17 10.85
CA ASN B 236 13.04 -10.50 11.17
C ASN B 236 11.54 -10.66 10.92
N LEU B 237 10.92 -9.67 10.29
CA LEU B 237 9.48 -9.65 10.19
C LEU B 237 8.96 -10.87 9.42
N SER B 238 9.60 -11.20 8.30
CA SER B 238 9.23 -12.38 7.51
C SER B 238 9.21 -13.63 8.35
N ARG B 239 10.29 -13.83 9.10
CA ARG B 239 10.40 -14.99 9.97
C ARG B 239 9.32 -14.96 11.05
N LEU B 240 9.07 -13.79 11.65
CA LEU B 240 8.04 -13.69 12.69
C LEU B 240 6.65 -13.98 12.14
N GLN B 241 6.39 -13.57 10.90
CA GLN B 241 5.13 -13.85 10.21
C GLN B 241 4.93 -15.34 9.95
N GLU B 242 5.98 -16.06 9.57
CA GLU B 242 5.91 -17.53 9.42
C GLU B 242 5.63 -18.19 10.76
N ALA B 243 6.44 -17.86 11.76
CA ALA B 243 6.29 -18.39 13.13
C ALA B 243 4.89 -18.16 13.68
N GLY B 244 4.33 -16.98 13.39
CA GLY B 244 2.93 -16.67 13.72
C GLY B 244 1.94 -17.62 13.09
N GLU B 245 2.10 -17.88 11.79
CA GLU B 245 1.24 -18.82 11.04
C GLU B 245 1.36 -20.23 11.61
N LEU B 246 2.57 -20.77 11.62
CA LEU B 246 2.83 -22.11 12.16
C LEU B 246 2.21 -22.30 13.57
N LEU B 247 2.54 -21.37 14.47
CA LEU B 247 2.04 -21.43 15.84
C LEU B 247 0.53 -21.32 15.88
N ARG B 248 -0.02 -20.35 15.16
CA ARG B 248 -1.46 -20.17 15.18
C ARG B 248 -2.19 -21.45 14.78
N THR B 249 -1.72 -22.07 13.70
CA THR B 249 -2.27 -23.35 13.20
C THR B 249 -2.28 -24.45 14.27
N GLU B 250 -1.10 -24.86 14.72
CA GLU B 250 -0.99 -25.85 15.79
C GLU B 250 -1.92 -25.50 16.99
N ILE B 251 -1.97 -24.22 17.38
CA ILE B 251 -2.91 -23.72 18.41
C ILE B 251 -4.39 -24.05 18.14
N ASN B 252 -4.93 -23.60 16.99
CA ASN B 252 -6.34 -23.86 16.67
C ASN B 252 -6.62 -25.35 16.44
N ARG B 253 -5.57 -26.07 16.07
CA ARG B 253 -5.66 -27.51 15.97
C ARG B 253 -5.73 -28.14 17.36
N SER B 254 -4.82 -27.75 18.24
CA SER B 254 -4.66 -28.42 19.53
C SER B 254 -5.51 -27.83 20.66
N VAL B 255 -6.11 -26.67 20.43
CA VAL B 255 -7.01 -26.09 21.41
C VAL B 255 -8.17 -25.42 20.70
N LYS B 256 -9.38 -25.85 21.02
CA LYS B 256 -10.56 -25.10 20.62
C LYS B 256 -10.71 -23.97 21.64
N VAL B 257 -11.29 -22.86 21.22
CA VAL B 257 -11.57 -21.76 22.14
C VAL B 257 -12.97 -21.23 21.92
N GLN B 258 -13.56 -20.70 23.00
CA GLN B 258 -14.92 -20.23 22.97
C GLN B 258 -15.08 -19.05 23.93
N HIS B 259 -15.62 -17.96 23.39
CA HIS B 259 -15.96 -16.78 24.17
C HIS B 259 -17.24 -17.05 24.95
N PRO B 260 -17.12 -17.38 26.25
CA PRO B 260 -18.28 -17.90 26.99
C PRO B 260 -19.52 -16.98 27.07
N GLN B 261 -19.48 -15.78 26.49
CA GLN B 261 -20.68 -14.93 26.37
C GLN B 261 -21.22 -14.82 24.95
N LEU B 262 -20.42 -15.20 23.95
CA LEU B 262 -20.89 -15.24 22.56
C LEU B 262 -20.29 -16.47 21.86
N PRO B 263 -21.16 -17.40 21.42
CA PRO B 263 -20.72 -18.60 20.69
C PRO B 263 -19.81 -18.35 19.47
N HIS B 264 -20.25 -17.50 18.54
CA HIS B 264 -19.58 -17.35 17.21
C HIS B 264 -18.08 -17.02 17.23
N ILE B 265 -17.69 -16.09 18.09
CA ILE B 265 -16.29 -15.73 18.29
C ILE B 265 -15.61 -16.92 18.95
N ASN B 266 -14.90 -17.73 18.17
CA ASN B 266 -14.41 -19.02 18.65
C ASN B 266 -13.09 -19.52 18.04
N THR B 267 -12.28 -18.61 17.53
CA THR B 267 -10.96 -18.99 17.00
C THR B 267 -9.87 -17.97 17.33
N VAL B 268 -8.64 -18.48 17.38
CA VAL B 268 -7.46 -17.64 17.59
C VAL B 268 -6.88 -17.22 16.24
N ASP B 269 -7.18 -15.99 15.85
CA ASP B 269 -6.66 -15.44 14.60
C ASP B 269 -5.33 -14.69 14.78
N CYS B 270 -5.09 -14.13 15.98
CA CYS B 270 -3.91 -13.26 16.20
C CYS B 270 -2.85 -13.89 17.11
N VAL B 271 -1.59 -13.68 16.75
CA VAL B 271 -0.46 -14.10 17.55
C VAL B 271 0.38 -12.89 17.97
N GLU B 272 0.46 -12.62 19.27
CA GLU B 272 1.18 -11.48 19.81
C GLU B 272 2.52 -11.96 20.30
N ILE B 273 3.59 -11.55 19.63
CA ILE B 273 4.93 -11.96 20.01
C ILE B 273 5.60 -10.78 20.68
N TYR B 274 6.12 -11.00 21.89
CA TYR B 274 6.69 -9.90 22.69
C TYR B 274 8.11 -10.19 23.18
N GLY B 275 8.78 -9.13 23.62
CA GLY B 275 10.17 -9.20 24.04
C GLY B 275 10.64 -7.94 24.71
N PRO B 276 11.96 -7.88 25.00
CA PRO B 276 12.48 -6.73 25.72
C PRO B 276 12.30 -5.44 24.97
N PRO B 277 11.93 -4.37 25.67
CA PRO B 277 11.76 -3.08 25.02
C PRO B 277 13.07 -2.50 24.51
N THR B 278 13.02 -1.73 23.44
CA THR B 278 14.16 -0.94 23.00
C THR B 278 14.07 0.47 23.60
N ASN B 279 12.87 1.05 23.58
CA ASN B 279 12.60 2.32 24.21
C ASN B 279 12.57 2.14 25.72
N PRO B 280 13.31 2.97 26.46
CA PRO B 280 13.43 2.80 27.91
C PRO B 280 12.14 3.05 28.70
N GLU B 281 11.29 3.95 28.21
CA GLU B 281 9.93 4.14 28.75
C GLU B 281 9.04 2.91 28.65
N ALA B 282 9.23 2.06 27.64
CA ALA B 282 8.37 0.89 27.45
C ALA B 282 8.69 -0.25 28.41
N ASN B 283 7.64 -0.96 28.84
CA ASN B 283 7.77 -2.20 29.57
C ASN B 283 8.24 -3.35 28.68
N TYR B 284 7.64 -3.44 27.50
CA TYR B 284 7.92 -4.49 26.55
C TYR B 284 7.69 -3.96 25.16
N LYS B 285 8.14 -4.77 24.20
CA LYS B 285 7.96 -4.57 22.78
C LYS B 285 7.17 -5.78 22.21
N ASN B 286 6.33 -5.56 21.19
CA ASN B 286 5.57 -6.65 20.56
C ASN B 286 5.23 -6.42 19.08
N VAL B 287 5.01 -7.51 18.36
CA VAL B 287 4.37 -7.42 17.05
C VAL B 287 3.21 -8.42 16.98
N VAL B 288 2.05 -7.96 16.49
CA VAL B 288 0.91 -8.84 16.30
C VAL B 288 0.87 -9.32 14.85
N ILE B 289 0.78 -10.63 14.69
CA ILE B 289 0.69 -11.30 13.40
C ILE B 289 -0.74 -11.77 13.30
N PHE B 290 -1.35 -11.53 12.15
CA PHE B 290 -2.75 -11.90 11.96
C PHE B 290 -3.03 -12.09 10.48
N GLY B 291 -4.29 -12.34 10.13
CA GLY B 291 -4.71 -12.54 8.76
C GLY B 291 -3.82 -13.53 8.02
N ASN B 292 -3.30 -13.09 6.89
CA ASN B 292 -2.48 -13.91 6.02
C ASN B 292 -1.09 -13.28 5.98
N ARG B 293 -0.28 -13.69 6.95
CA ARG B 293 1.09 -13.19 7.14
CA ARG B 293 1.09 -13.18 7.07
C ARG B 293 1.12 -11.66 7.22
N GLN B 294 0.13 -11.09 7.91
CA GLN B 294 0.08 -9.64 8.13
C GLN B 294 0.59 -9.31 9.54
N ALA B 295 1.49 -8.33 9.63
CA ALA B 295 1.88 -7.72 10.89
C ALA B 295 1.27 -6.33 11.12
N ASP B 296 0.90 -6.08 12.38
CA ASP B 296 0.42 -4.79 12.83
C ASP B 296 1.60 -3.87 13.03
N ARG B 297 1.51 -2.68 12.45
CA ARG B 297 2.57 -1.71 12.59
C ARG B 297 2.50 -1.01 13.93
N SER B 298 1.30 -0.95 14.52
CA SER B 298 1.11 -0.32 15.85
C SER B 298 1.33 -1.35 16.99
N PRO B 299 1.36 -0.87 18.28
CA PRO B 299 1.46 -1.79 19.42
C PRO B 299 0.29 -2.71 19.61
N CYS B 300 -0.84 -2.34 18.96
CA CYS B 300 -2.10 -3.09 18.89
C CYS B 300 -2.89 -2.93 20.19
N GLY B 301 -3.99 -2.21 20.13
CA GLY B 301 -4.82 -1.91 21.31
C GLY B 301 -5.46 -3.11 21.97
N THR B 302 -6.15 -3.93 21.18
CA THR B 302 -6.76 -5.14 21.72
C THR B 302 -5.67 -6.11 22.19
N GLY B 303 -4.51 -6.10 21.53
CA GLY B 303 -3.37 -6.95 21.96
C GLY B 303 -2.86 -6.45 23.32
N THR B 304 -2.80 -5.13 23.46
CA THR B 304 -2.35 -4.52 24.70
C THR B 304 -3.32 -4.84 25.83
N SER B 305 -4.63 -4.75 25.59
CA SER B 305 -5.60 -5.12 26.62
C SER B 305 -5.44 -6.56 27.01
N ALA B 306 -5.26 -7.42 26.02
CA ALA B 306 -5.10 -8.84 26.30
C ALA B 306 -3.82 -9.08 27.10
N LYS B 307 -2.76 -8.40 26.71
CA LYS B 307 -1.49 -8.52 27.44
C LYS B 307 -1.65 -8.09 28.90
N MET B 308 -2.39 -7.03 29.13
CA MET B 308 -2.57 -6.52 30.49
C MET B 308 -3.45 -7.43 31.35
N ALA B 309 -4.51 -8.00 30.77
CA ALA B 309 -5.35 -9.00 31.46
C ALA B 309 -4.51 -10.19 31.90
N THR B 310 -3.59 -10.61 31.04
CA THR B 310 -2.67 -11.71 31.30
C THR B 310 -1.83 -11.40 32.54
N LEU B 311 -1.00 -10.38 32.41
CA LEU B 311 -0.17 -9.88 33.50
C LEU B 311 -0.91 -9.66 34.82
N TYR B 312 -2.09 -9.05 34.74
CA TYR B 312 -2.93 -8.80 35.92
C TYR B 312 -3.28 -10.08 36.66
N ALA B 313 -3.77 -11.06 35.90
CA ALA B 313 -4.16 -12.36 36.43
C ALA B 313 -2.98 -13.07 37.11
N LYS B 314 -1.77 -12.82 36.63
CA LYS B 314 -0.54 -13.34 37.25
C LYS B 314 0.06 -12.39 38.29
N GLY B 315 -0.73 -11.41 38.76
CA GLY B 315 -0.26 -10.47 39.77
C GLY B 315 0.94 -9.62 39.36
N GLN B 316 1.17 -9.51 38.05
CA GLN B 316 2.34 -8.77 37.58
C GLN B 316 2.04 -7.32 37.20
N LEU B 317 0.77 -6.93 37.31
CA LEU B 317 0.35 -5.58 36.97
C LEU B 317 -0.72 -5.16 37.95
N ARG B 318 -0.55 -3.99 38.56
CA ARG B 318 -1.56 -3.49 39.49
C ARG B 318 -2.62 -2.65 38.78
N ILE B 319 -3.83 -2.68 39.30
CA ILE B 319 -4.84 -1.72 38.89
C ILE B 319 -4.25 -0.32 38.98
N GLY B 320 -4.54 0.51 37.97
CA GLY B 320 -4.08 1.89 37.92
C GLY B 320 -2.62 2.09 37.58
N GLU B 321 -1.84 1.01 37.53
CA GLU B 321 -0.46 1.13 37.10
C GLU B 321 -0.39 1.34 35.57
N THR B 322 0.47 2.23 35.13
CA THR B 322 0.64 2.51 33.71
C THR B 322 1.55 1.52 33.05
N PHE B 323 1.00 0.79 32.07
CA PHE B 323 1.75 -0.15 31.23
C PHE B 323 2.05 0.48 29.85
N VAL B 324 3.26 0.33 29.37
CA VAL B 324 3.67 0.97 28.12
C VAL B 324 4.17 -0.13 27.21
N TYR B 325 3.58 -0.20 26.01
CA TYR B 325 3.88 -1.26 25.03
C TYR B 325 4.34 -0.60 23.75
N GLU B 326 5.50 -1.06 23.31
CA GLU B 326 6.16 -0.59 22.13
C GLU B 326 5.92 -1.51 20.94
N SER B 327 5.99 -0.93 19.75
CA SER B 327 5.75 -1.63 18.51
C SER B 327 7.08 -1.90 17.86
N ILE B 328 7.01 -2.63 16.75
CA ILE B 328 8.17 -2.91 15.94
C ILE B 328 8.79 -1.67 15.30
N LEU B 329 7.99 -0.61 15.09
CA LEU B 329 8.52 0.66 14.59
C LEU B 329 9.01 1.60 15.70
N GLY B 330 8.80 1.24 16.96
CA GLY B 330 9.27 2.07 18.08
C GLY B 330 8.21 2.99 18.68
N SER B 331 6.97 2.87 18.21
CA SER B 331 5.85 3.62 18.78
C SER B 331 5.35 3.02 20.08
N LEU B 332 4.67 3.84 20.87
CA LEU B 332 4.14 3.42 22.16
C LEU B 332 2.65 3.64 22.28
N PHE B 333 1.95 2.67 22.85
CA PHE B 333 0.63 2.87 23.45
C PHE B 333 0.84 2.76 24.95
N GLN B 334 0.01 3.45 25.70
CA GLN B 334 -0.04 3.35 27.15
C GLN B 334 -1.32 2.64 27.53
N GLY B 335 -1.30 1.93 28.66
CA GLY B 335 -2.48 1.27 29.16
C GLY B 335 -2.52 1.18 30.68
N ARG B 336 -3.72 0.98 31.19
CA ARG B 336 -4.00 0.91 32.63
C ARG B 336 -5.21 0.02 32.87
N VAL B 337 -5.07 -0.97 33.74
CA VAL B 337 -6.24 -1.73 34.18
C VAL B 337 -6.96 -0.85 35.18
N LEU B 338 -8.24 -0.59 34.90
CA LEU B 338 -9.05 0.28 35.70
C LEU B 338 -9.79 -0.46 36.81
N GLY B 339 -10.11 -1.71 36.57
CA GLY B 339 -10.86 -2.51 37.53
C GLY B 339 -10.89 -3.96 37.10
N GLU B 340 -11.41 -4.79 38.00
CA GLU B 340 -11.60 -6.19 37.73
C GLU B 340 -13.02 -6.57 38.10
N GLU B 341 -13.42 -7.77 37.70
CA GLU B 341 -14.78 -8.22 37.90
C GLU B 341 -14.81 -9.74 37.83
N ARG B 342 -15.81 -10.29 38.49
CA ARG B 342 -16.06 -11.72 38.50
C ARG B 342 -17.43 -11.94 37.88
N ILE B 343 -17.52 -12.90 36.98
CA ILE B 343 -18.77 -13.23 36.33
C ILE B 343 -19.29 -14.55 36.92
N PRO B 344 -20.25 -14.48 37.86
CA PRO B 344 -20.65 -15.70 38.56
C PRO B 344 -21.32 -16.71 37.65
N GLY B 345 -20.95 -17.98 37.81
CA GLY B 345 -21.47 -19.06 36.98
C GLY B 345 -20.59 -19.35 35.78
N VAL B 346 -20.00 -18.32 35.20
CA VAL B 346 -19.30 -18.44 33.91
C VAL B 346 -17.80 -18.67 34.09
N LYS B 347 -17.25 -19.61 33.32
CA LYS B 347 -15.82 -19.97 33.43
C LYS B 347 -15.10 -20.16 32.08
N VAL B 348 -13.79 -20.36 32.18
CA VAL B 348 -12.89 -20.58 31.06
C VAL B 348 -11.74 -21.43 31.64
N PRO B 349 -10.95 -22.08 30.78
CA PRO B 349 -9.98 -23.08 31.27
C PRO B 349 -9.10 -22.67 32.45
N VAL B 350 -8.89 -21.37 32.64
CA VAL B 350 -7.98 -20.90 33.68
C VAL B 350 -8.70 -20.74 35.02
N THR B 351 -9.99 -20.37 34.96
CA THR B 351 -10.82 -20.22 36.13
C THR B 351 -10.65 -21.47 36.98
N LYS B 352 -9.91 -21.34 38.10
CA LYS B 352 -9.65 -22.47 38.98
C LYS B 352 -10.94 -22.99 39.64
N ASP B 353 -11.01 -24.30 39.87
CA ASP B 353 -12.10 -24.93 40.64
C ASP B 353 -12.29 -24.21 41.98
N ALA B 354 -13.47 -23.61 42.17
CA ALA B 354 -13.85 -22.86 43.39
C ALA B 354 -14.10 -21.39 43.11
N GLU B 355 -13.63 -20.88 41.97
CA GLU B 355 -13.68 -19.44 41.70
C GLU B 355 -15.08 -18.88 41.44
N GLU B 356 -16.08 -19.75 41.25
CA GLU B 356 -17.50 -19.38 40.95
C GLU B 356 -17.74 -18.59 39.66
N GLY B 357 -16.81 -17.69 39.31
CA GLY B 357 -16.90 -16.84 38.13
C GLY B 357 -15.52 -16.47 37.58
N MET B 358 -15.41 -16.40 36.25
CA MET B 358 -14.16 -16.01 35.62
C MET B 358 -13.80 -14.55 35.94
N LEU B 359 -12.50 -14.28 35.97
CA LEU B 359 -11.96 -12.94 36.18
C LEU B 359 -11.90 -12.17 34.87
N VAL B 360 -12.63 -11.06 34.76
CA VAL B 360 -12.45 -10.11 33.65
C VAL B 360 -11.86 -8.79 34.15
N VAL B 361 -11.22 -8.05 33.25
CA VAL B 361 -10.74 -6.70 33.54
C VAL B 361 -11.26 -5.64 32.56
N THR B 362 -11.27 -4.40 33.03
CA THR B 362 -11.55 -3.27 32.18
C THR B 362 -10.23 -2.56 31.98
N ALA B 363 -9.78 -2.50 30.74
CA ALA B 363 -8.48 -1.92 30.44
C ALA B 363 -8.67 -0.70 29.53
N GLU B 364 -7.88 0.32 29.79
CA GLU B 364 -7.94 1.53 28.98
C GLU B 364 -6.63 1.64 28.24
N ILE B 365 -6.71 1.99 26.97
CA ILE B 365 -5.56 2.10 26.11
C ILE B 365 -5.53 3.49 25.51
N THR B 366 -4.34 4.07 25.42
CA THR B 366 -4.14 5.42 24.95
C THR B 366 -3.08 5.45 23.87
N GLY B 367 -3.34 6.20 22.82
CA GLY B 367 -2.36 6.37 21.74
C GLY B 367 -2.72 7.56 20.90
N LYS B 368 -1.91 7.83 19.89
CA LYS B 368 -2.05 9.05 19.09
C LYS B 368 -2.26 8.70 17.63
N ALA B 369 -3.27 9.31 17.01
CA ALA B 369 -3.52 9.12 15.59
C ALA B 369 -3.33 10.46 14.88
N PHE B 370 -2.90 10.40 13.63
CA PHE B 370 -2.71 11.57 12.78
C PHE B 370 -3.62 11.49 11.57
N ILE B 371 -4.15 12.62 11.20
CA ILE B 371 -4.79 12.73 9.90
C ILE B 371 -3.71 12.82 8.83
N MET B 372 -3.77 11.93 7.84
CA MET B 372 -2.80 11.98 6.74
C MET B 372 -3.44 12.32 5.40
N GLY B 373 -4.78 12.38 5.34
CA GLY B 373 -5.45 12.80 4.12
C GLY B 373 -6.95 12.93 4.23
N PHE B 374 -7.50 13.84 3.43
CA PHE B 374 -8.95 13.93 3.18
C PHE B 374 -9.19 13.48 1.75
N ASN B 375 -9.81 12.35 1.62
CA ASN B 375 -9.79 11.66 0.36
C ASN B 375 -11.21 11.50 -0.16
N THR B 376 -11.36 11.57 -1.47
CA THR B 376 -12.63 11.28 -2.08
C THR B 376 -12.34 10.17 -3.07
N MET B 377 -12.87 9.00 -2.74
CA MET B 377 -12.58 7.78 -3.47
CA MET B 377 -12.60 7.76 -3.43
C MET B 377 -13.64 7.57 -4.54
N LEU B 378 -13.19 7.31 -5.76
CA LEU B 378 -14.10 7.16 -6.92
C LEU B 378 -14.06 5.79 -7.60
N PHE B 379 -15.23 5.40 -8.09
CA PHE B 379 -15.45 4.10 -8.68
C PHE B 379 -16.21 4.23 -9.99
N ASP B 380 -15.48 4.17 -11.09
CA ASP B 380 -16.11 4.16 -12.39
C ASP B 380 -16.72 2.77 -12.64
N PRO B 381 -17.99 2.72 -13.05
CA PRO B 381 -18.57 1.40 -13.29
C PRO B 381 -17.86 0.58 -14.36
N THR B 382 -17.15 1.24 -15.28
CA THR B 382 -16.41 0.53 -16.32
C THR B 382 -14.97 0.22 -15.92
N ASP B 383 -14.55 0.70 -14.76
CA ASP B 383 -13.23 0.41 -14.24
C ASP B 383 -13.17 -1.07 -13.84
N PRO B 384 -12.34 -1.87 -14.52
CA PRO B 384 -12.25 -3.30 -14.19
C PRO B 384 -11.64 -3.60 -12.83
N PHE B 385 -10.96 -2.62 -12.23
CA PHE B 385 -10.48 -2.78 -10.86
C PHE B 385 -11.27 -1.95 -9.87
N LYS B 386 -12.54 -1.68 -10.18
CA LYS B 386 -13.35 -0.89 -9.26
C LYS B 386 -13.49 -1.59 -7.91
N ASN B 387 -13.34 -2.92 -7.91
CA ASN B 387 -13.39 -3.68 -6.66
C ASN B 387 -12.04 -4.16 -6.19
N GLY B 388 -10.98 -3.65 -6.79
CA GLY B 388 -9.66 -3.85 -6.28
C GLY B 388 -9.10 -5.23 -6.59
N PHE B 389 -7.87 -5.50 -6.16
CA PHE B 389 -7.24 -6.78 -6.46
C PHE B 389 -6.10 -6.96 -5.47
N THR B 390 -5.66 -8.19 -5.29
CA THR B 390 -4.46 -8.43 -4.50
C THR B 390 -3.62 -9.43 -5.26
N LEU B 391 -2.30 -9.26 -5.15
CA LEU B 391 -1.36 -10.18 -5.72
C LEU B 391 -0.78 -11.11 -4.64
N LYS B 392 -1.18 -10.88 -3.40
CA LYS B 392 -0.70 -11.68 -2.28
C LYS B 392 -1.28 -13.12 -2.28
N GLN B 393 -0.40 -14.11 -2.21
CA GLN B 393 -0.80 -15.54 -2.24
C GLN B 393 -0.83 -16.09 -0.83
N TYR B 394 -1.67 -17.08 -0.63
CA TYR B 394 -1.53 -17.96 0.52
C TYR B 394 -0.46 -19.00 0.17
N ILE B 395 0.58 -19.07 1.00
CA ILE B 395 1.66 -20.01 0.81
C ILE B 395 1.25 -21.35 1.45
N TRP B 396 1.28 -22.43 0.64
CA TRP B 396 0.79 -23.75 1.08
C TRP B 396 1.58 -24.90 0.45
N SER B 397 1.80 -25.94 1.25
CA SER B 397 2.60 -27.10 0.85
C SER B 397 1.71 -28.36 0.76
N SER B 398 2.32 -29.47 0.34
CA SER B 398 1.56 -30.69 0.12
C SER B 398 2.48 -31.92 0.22
P PO4 C . 23.48 2.78 -42.04
O1 PO4 C . 23.60 3.71 -40.83
O2 PO4 C . 22.46 3.27 -43.06
O3 PO4 C . 24.85 2.59 -42.62
O4 PO4 C . 23.01 1.41 -41.61
O3 7N0 D . 8.21 3.39 -15.78
C4 7N0 D . 8.01 2.25 -15.45
C5 7N0 D . 7.87 1.82 -14.02
C6 7N0 D . 8.54 0.46 -14.09
C7 7N0 D . 8.46 -0.03 -15.55
C3 7N0 D . 7.99 1.13 -16.41
C2 7N0 D . 6.58 0.85 -16.91
C1 7N0 D . 6.02 1.98 -17.76
O2 7N0 D . 4.79 2.06 -17.82
O1 7N0 D . 6.80 2.77 -18.34
O3 7N0 E . -6.87 -4.34 15.15
C4 7N0 E . -6.14 -5.32 15.20
C5 7N0 E . -5.76 -6.17 14.01
C6 7N0 E . -5.02 -7.34 14.62
C7 7N0 E . -4.73 -7.01 16.08
C3 7N0 E . -5.55 -5.79 16.48
C2 7N0 E . -4.73 -4.64 17.09
C1 7N0 E . -5.65 -3.58 17.68
O2 7N0 E . -5.35 -2.39 17.47
O1 7N0 E . -6.66 -3.90 18.36
#